data_1H34
# 
_entry.id   1H34 
# 
_audit_conform.dict_name       mmcif_pdbx.dic 
_audit_conform.dict_version    5.399 
_audit_conform.dict_location   http://mmcif.pdb.org/dictionaries/ascii/mmcif_pdbx.dic 
# 
loop_
_database_2.database_id 
_database_2.database_code 
_database_2.pdbx_database_accession 
_database_2.pdbx_DOI 
PDB   1H34         pdb_00001h34 10.2210/pdb1h34/pdb 
PDBE  EBI-11295    ?            ?                   
WWPDB D_1290011295 ?            ?                   
# 
loop_
_pdbx_audit_revision_history.ordinal 
_pdbx_audit_revision_history.data_content_type 
_pdbx_audit_revision_history.major_revision 
_pdbx_audit_revision_history.minor_revision 
_pdbx_audit_revision_history.revision_date 
1 'Structure model' 1 0 2003-02-06 
2 'Structure model' 1 1 2011-05-08 
3 'Structure model' 1 2 2011-07-13 
4 'Structure model' 1 3 2019-05-22 
5 'Structure model' 1 4 2019-07-24 
6 'Structure model' 1 5 2024-11-20 
# 
_pdbx_audit_revision_details.ordinal             1 
_pdbx_audit_revision_details.revision_ordinal    1 
_pdbx_audit_revision_details.data_content_type   'Structure model' 
_pdbx_audit_revision_details.provider            repository 
_pdbx_audit_revision_details.type                'Initial release' 
_pdbx_audit_revision_details.description         ? 
_pdbx_audit_revision_details.details             ? 
# 
loop_
_pdbx_audit_revision_group.ordinal 
_pdbx_audit_revision_group.revision_ordinal 
_pdbx_audit_revision_group.data_content_type 
_pdbx_audit_revision_group.group 
1  2 'Structure model' 'Version format compliance' 
2  3 'Structure model' 'Version format compliance' 
3  4 'Structure model' 'Data collection'           
4  4 'Structure model' Other                       
5  4 'Structure model' 'Refinement description'    
6  5 'Structure model' 'Data collection'           
7  6 'Structure model' 'Data collection'           
8  6 'Structure model' 'Database references'       
9  6 'Structure model' Other                       
10 6 'Structure model' 'Structure summary'         
# 
loop_
_pdbx_audit_revision_category.ordinal 
_pdbx_audit_revision_category.revision_ordinal 
_pdbx_audit_revision_category.data_content_type 
_pdbx_audit_revision_category.category 
1  4 'Structure model' pdbx_database_proc        
2  4 'Structure model' pdbx_database_status      
3  4 'Structure model' refine                    
4  5 'Structure model' diffrn_source             
5  6 'Structure model' chem_comp_atom            
6  6 'Structure model' chem_comp_bond            
7  6 'Structure model' database_2                
8  6 'Structure model' pdbx_database_status      
9  6 'Structure model' pdbx_entry_details        
10 6 'Structure model' pdbx_modification_feature 
# 
loop_
_pdbx_audit_revision_item.ordinal 
_pdbx_audit_revision_item.revision_ordinal 
_pdbx_audit_revision_item.data_content_type 
_pdbx_audit_revision_item.item 
1 4 'Structure model' '_pdbx_database_status.recvd_author_approval'  
2 4 'Structure model' '_refine.pdbx_ls_cross_valid_method'           
3 5 'Structure model' '_diffrn_source.pdbx_synchrotron_site'         
4 6 'Structure model' '_database_2.pdbx_DOI'                         
5 6 'Structure model' '_database_2.pdbx_database_accession'          
6 6 'Structure model' '_pdbx_database_status.status_code_sf'         
7 6 'Structure model' '_pdbx_entry_details.has_protein_modification' 
# 
_pdbx_database_status.status_code                     REL 
_pdbx_database_status.entry_id                        1H34 
_pdbx_database_status.deposit_site                    PDBE 
_pdbx_database_status.process_site                    PDBE 
_pdbx_database_status.SG_entry                        . 
_pdbx_database_status.recvd_initial_deposition_date   2002-08-21 
_pdbx_database_status.pdb_format_compatible           Y 
_pdbx_database_status.status_code_sf                  REL 
_pdbx_database_status.status_code_mr                  ? 
_pdbx_database_status.status_code_cs                  ? 
_pdbx_database_status.methods_development_category    ? 
_pdbx_database_status.status_code_nmr_data            ? 
# 
loop_
_audit_author.name 
_audit_author.pdbx_ordinal 
'Debreczeni, J.E.' 1 
'Bunkoczi, G.'     2 
'Girmann, B.'      3 
'Sheldrick, G.M.'  4 
# 
_citation.id                        primary 
_citation.title                     
'In-House Phase Determination of the Lima Bean Trypsin Inhibitor: A Low-Resolution Sulfur-Sad Case' 
_citation.journal_abbrev            'Acta Crystallogr.,Sect.D' 
_citation.journal_volume            59 
_citation.page_first                393 
_citation.page_last                 ? 
_citation.year                      2003 
_citation.journal_id_ASTM           ABCRE6 
_citation.country                   DK 
_citation.journal_id_ISSN           0907-4449 
_citation.journal_id_CSD            0766 
_citation.book_publisher            ? 
_citation.pdbx_database_id_PubMed   12554963 
_citation.pdbx_database_id_DOI      10.1107/S0907444902020917 
# 
loop_
_citation_author.citation_id 
_citation_author.name 
_citation_author.ordinal 
_citation_author.identifier_ORCID 
primary 'Debreczeni, J.E.' 1 ? 
primary 'Bunkoczi, G.'     2 ? 
primary 'Girmann, B.'      3 ? 
primary 'Sheldrick, G.M.'  4 ? 
# 
loop_
_entity.id 
_entity.type 
_entity.src_method 
_entity.pdbx_description 
_entity.formula_weight 
_entity.pdbx_number_of_molecules 
_entity.pdbx_ec 
_entity.pdbx_mutation 
_entity.pdbx_fragment 
_entity.details 
1 polymer nat 'BOWMAN-BIRK TYPE PROTEINASE INHIBITOR' 9043.960 1  ? ? ? ? 
2 water   nat water                                   18.015   78 ? ? ? ? 
# 
_entity_poly.entity_id                      1 
_entity_poly.type                           'polypeptide(L)' 
_entity_poly.nstd_linkage                   no 
_entity_poly.nstd_monomer                   no 
_entity_poly.pdbx_seq_one_letter_code       
;SGHHEHSTDZPSZSSKPCCDHCSCTKSIPPQCRCTDLRLDSCHSACKSCICTLSIPAQCVCDDIDDFCYEPCKSSHSDDD
NNN
;
_entity_poly.pdbx_seq_one_letter_code_can   
;SGHHEHSTDZPSZSSKPCCDHCSCTKSIPPQCRCTDLRLDSCHSACKSCICTLSIPAQCVCDDIDDFCYEPCKSSHSDDD
NNN
;
_entity_poly.pdbx_strand_id                 A 
_entity_poly.pdbx_target_identifier         ? 
# 
_pdbx_entity_nonpoly.entity_id   2 
_pdbx_entity_nonpoly.name        water 
_pdbx_entity_nonpoly.comp_id     HOH 
# 
loop_
_entity_poly_seq.entity_id 
_entity_poly_seq.num 
_entity_poly_seq.mon_id 
_entity_poly_seq.hetero 
1 1  SER n 
1 2  GLY n 
1 3  HIS n 
1 4  HIS n 
1 5  GLU n 
1 6  HIS n 
1 7  SER n 
1 8  THR n 
1 9  ASP n 
1 10 GLX n 
1 11 PRO n 
1 12 SER n 
1 13 GLX n 
1 14 SER n 
1 15 SER n 
1 16 LYS n 
1 17 PRO n 
1 18 CYS n 
1 19 CYS n 
1 20 ASP n 
1 21 HIS n 
1 22 CYS n 
1 23 SER n 
1 24 CYS n 
1 25 THR n 
1 26 LYS n 
1 27 SER n 
1 28 ILE n 
1 29 PRO n 
1 30 PRO n 
1 31 GLN n 
1 32 CYS n 
1 33 ARG n 
1 34 CYS n 
1 35 THR n 
1 36 ASP n 
1 37 LEU n 
1 38 ARG n 
1 39 LEU n 
1 40 ASP n 
1 41 SER n 
1 42 CYS n 
1 43 HIS n 
1 44 SER n 
1 45 ALA n 
1 46 CYS n 
1 47 LYS n 
1 48 SER n 
1 49 CYS n 
1 50 ILE n 
1 51 CYS n 
1 52 THR n 
1 53 LEU n 
1 54 SER n 
1 55 ILE n 
1 56 PRO n 
1 57 ALA n 
1 58 GLN n 
1 59 CYS n 
1 60 VAL n 
1 61 CYS n 
1 62 ASP n 
1 63 ASP n 
1 64 ILE n 
1 65 ASP n 
1 66 ASP n 
1 67 PHE n 
1 68 CYS n 
1 69 TYR n 
1 70 GLU n 
1 71 PRO n 
1 72 CYS n 
1 73 LYS n 
1 74 SER n 
1 75 SER n 
1 76 HIS n 
1 77 SER n 
1 78 ASP n 
1 79 ASP n 
1 80 ASP n 
1 81 ASN n 
1 82 ASN n 
1 83 ASN n 
# 
_entity_src_nat.entity_id                  1 
_entity_src_nat.pdbx_src_id                1 
_entity_src_nat.pdbx_alt_source_flag       sample 
_entity_src_nat.pdbx_beg_seq_num           ? 
_entity_src_nat.pdbx_end_seq_num           ? 
_entity_src_nat.common_name                'LIMA BEAN' 
_entity_src_nat.pdbx_organism_scientific   'PHASEOLUS LUNATUS' 
_entity_src_nat.pdbx_ncbi_taxonomy_id      3884 
_entity_src_nat.genus                      ? 
_entity_src_nat.species                    ? 
_entity_src_nat.strain                     ? 
_entity_src_nat.tissue                     ? 
_entity_src_nat.tissue_fraction            ? 
_entity_src_nat.pdbx_secretion             ? 
_entity_src_nat.pdbx_fragment              ? 
_entity_src_nat.pdbx_variant               ? 
_entity_src_nat.pdbx_cell_line             ? 
_entity_src_nat.pdbx_atcc                  ? 
_entity_src_nat.pdbx_cellular_location     ? 
_entity_src_nat.pdbx_organ                 SEED 
_entity_src_nat.pdbx_organelle             ? 
_entity_src_nat.pdbx_cell                  ? 
_entity_src_nat.pdbx_plasmid_name          ? 
_entity_src_nat.pdbx_plasmid_details       ? 
_entity_src_nat.details                    ? 
# 
loop_
_chem_comp.id 
_chem_comp.type 
_chem_comp.mon_nstd_flag 
_chem_comp.name 
_chem_comp.pdbx_synonyms 
_chem_comp.formula 
_chem_comp.formula_weight 
ALA 'L-peptide linking' y ALANINE             ? 'C3 H7 N O2'     89.093  
ARG 'L-peptide linking' y ARGININE            ? 'C6 H15 N4 O2 1' 175.209 
ASN 'L-peptide linking' y ASPARAGINE          ? 'C4 H8 N2 O3'    132.118 
ASP 'L-peptide linking' y 'ASPARTIC ACID'     ? 'C4 H7 N O4'     133.103 
CYS 'L-peptide linking' y CYSTEINE            ? 'C3 H7 N O2 S'   121.158 
GLN 'L-peptide linking' y GLUTAMINE           ? 'C5 H10 N2 O3'   146.144 
GLU 'L-peptide linking' y 'GLUTAMIC ACID'     ? 'C5 H9 N O4'     147.129 
GLX 'L-peptide linking' y 'GLU/GLN AMBIGUOUS' ? 'C5 H8 N O2 X2'  114.123 
GLY 'peptide linking'   y GLYCINE             ? 'C2 H5 N O2'     75.067  
HIS 'L-peptide linking' y HISTIDINE           ? 'C6 H10 N3 O2 1' 156.162 
HOH non-polymer         . WATER               ? 'H2 O'           18.015  
ILE 'L-peptide linking' y ISOLEUCINE          ? 'C6 H13 N O2'    131.173 
LEU 'L-peptide linking' y LEUCINE             ? 'C6 H13 N O2'    131.173 
LYS 'L-peptide linking' y LYSINE              ? 'C6 H15 N2 O2 1' 147.195 
PHE 'L-peptide linking' y PHENYLALANINE       ? 'C9 H11 N O2'    165.189 
PRO 'L-peptide linking' y PROLINE             ? 'C5 H9 N O2'     115.130 
SER 'L-peptide linking' y SERINE              ? 'C3 H7 N O3'     105.093 
THR 'L-peptide linking' y THREONINE           ? 'C4 H9 N O3'     119.119 
TYR 'L-peptide linking' y TYROSINE            ? 'C9 H11 N O3'    181.189 
VAL 'L-peptide linking' y VALINE              ? 'C5 H11 N O2'    117.146 
# 
loop_
_pdbx_poly_seq_scheme.asym_id 
_pdbx_poly_seq_scheme.entity_id 
_pdbx_poly_seq_scheme.seq_id 
_pdbx_poly_seq_scheme.mon_id 
_pdbx_poly_seq_scheme.ndb_seq_num 
_pdbx_poly_seq_scheme.pdb_seq_num 
_pdbx_poly_seq_scheme.auth_seq_num 
_pdbx_poly_seq_scheme.pdb_mon_id 
_pdbx_poly_seq_scheme.auth_mon_id 
_pdbx_poly_seq_scheme.pdb_strand_id 
_pdbx_poly_seq_scheme.pdb_ins_code 
_pdbx_poly_seq_scheme.hetero 
A 1 1  SER 1  1  ?  ?   ?   A . n 
A 1 2  GLY 2  2  ?  ?   ?   A . n 
A 1 3  HIS 3  3  ?  ?   ?   A . n 
A 1 4  HIS 4  4  ?  ?   ?   A . n 
A 1 5  GLU 5  5  ?  ?   ?   A . n 
A 1 6  HIS 6  6  ?  ?   ?   A . n 
A 1 7  SER 7  7  ?  ?   ?   A . n 
A 1 8  THR 8  8  ?  ?   ?   A . n 
A 1 9  ASP 9  9  ?  ?   ?   A . n 
A 1 10 GLX 10 10 ?  ?   ?   A . n 
A 1 11 PRO 11 11 ?  ?   ?   A . n 
A 1 12 SER 12 12 ?  ?   ?   A . n 
A 1 13 GLX 13 13 ?  ?   ?   A . n 
A 1 14 SER 14 14 ?  ?   ?   A . n 
A 1 15 SER 15 15 ?  ?   ?   A . n 
A 1 16 LYS 16 16 16 LYS LYS A . n 
A 1 17 PRO 17 17 17 PRO PRO A . n 
A 1 18 CYS 18 18 18 CYS CYS A . n 
A 1 19 CYS 19 19 19 CYS CYS A . n 
A 1 20 ASP 20 20 20 ASP ASP A . n 
A 1 21 HIS 21 21 21 HIS HIS A . n 
A 1 22 CYS 22 22 22 CYS CYS A . n 
A 1 23 SER 23 23 23 SER SER A . n 
A 1 24 CYS 24 24 24 CYS CYS A . n 
A 1 25 THR 25 25 25 THR THR A . n 
A 1 26 LYS 26 26 26 LYS LYS A . n 
A 1 27 SER 27 27 27 SER SER A . n 
A 1 28 ILE 28 28 28 ILE ILE A . n 
A 1 29 PRO 29 29 29 PRO PRO A . n 
A 1 30 PRO 30 30 30 PRO PRO A . n 
A 1 31 GLN 31 31 31 GLN GLN A . n 
A 1 32 CYS 32 32 32 CYS CYS A . n 
A 1 33 ARG 33 33 33 ARG ARG A . n 
A 1 34 CYS 34 34 34 CYS CYS A . n 
A 1 35 THR 35 35 35 THR THR A . n 
A 1 36 ASP 36 36 36 ASP ASP A . n 
A 1 37 LEU 37 37 37 LEU LEU A . n 
A 1 38 ARG 38 38 38 ARG ARG A . n 
A 1 39 LEU 39 39 39 LEU LEU A . n 
A 1 40 ASP 40 40 40 ASP ASP A . n 
A 1 41 SER 41 41 41 SER SER A . n 
A 1 42 CYS 42 42 42 CYS CYS A . n 
A 1 43 HIS 43 43 43 HIS HIS A . n 
A 1 44 SER 44 44 44 SER SER A . n 
A 1 45 ALA 45 45 45 ALA ALA A . n 
A 1 46 CYS 46 46 46 CYS CYS A . n 
A 1 47 LYS 47 47 47 LYS LYS A . n 
A 1 48 SER 48 48 48 SER SER A . n 
A 1 49 CYS 49 49 49 CYS CYS A . n 
A 1 50 ILE 50 50 50 ILE ILE A . n 
A 1 51 CYS 51 51 51 CYS CYS A . n 
A 1 52 THR 52 52 52 THR THR A . n 
A 1 53 LEU 53 53 53 LEU LEU A . n 
A 1 54 SER 54 54 54 SER SER A . n 
A 1 55 ILE 55 55 55 ILE ILE A . n 
A 1 56 PRO 56 56 56 PRO PRO A . n 
A 1 57 ALA 57 57 57 ALA ALA A . n 
A 1 58 GLN 58 58 58 GLN GLN A . n 
A 1 59 CYS 59 59 59 CYS CYS A . n 
A 1 60 VAL 60 60 60 VAL VAL A . n 
A 1 61 CYS 61 61 61 CYS CYS A . n 
A 1 62 ASP 62 62 62 ASP ASP A . n 
A 1 63 ASP 63 63 63 ASP ASP A . n 
A 1 64 ILE 64 64 64 ILE ILE A . n 
A 1 65 ASP 65 65 65 ASP ASP A . n 
A 1 66 ASP 66 66 66 ASP ASP A . n 
A 1 67 PHE 67 67 67 PHE PHE A . n 
A 1 68 CYS 68 68 68 CYS CYS A . n 
A 1 69 TYR 69 69 69 TYR TYR A . n 
A 1 70 GLU 70 70 70 GLU GLU A . n 
A 1 71 PRO 71 71 71 PRO PRO A . n 
A 1 72 CYS 72 72 72 CYS CYS A . n 
A 1 73 LYS 73 73 ?  ?   ?   A . n 
A 1 74 SER 74 74 ?  ?   ?   A . n 
A 1 75 SER 75 75 ?  ?   ?   A . n 
A 1 76 HIS 76 76 ?  ?   ?   A . n 
A 1 77 SER 77 77 ?  ?   ?   A . n 
A 1 78 ASP 78 78 ?  ?   ?   A . n 
A 1 79 ASP 79 79 ?  ?   ?   A . n 
A 1 80 ASP 80 80 ?  ?   ?   A . n 
A 1 81 ASN 81 81 ?  ?   ?   A . n 
A 1 82 ASN 82 82 ?  ?   ?   A . n 
A 1 83 ASN 83 83 ?  ?   ?   A . n 
# 
loop_
_pdbx_nonpoly_scheme.asym_id 
_pdbx_nonpoly_scheme.entity_id 
_pdbx_nonpoly_scheme.mon_id 
_pdbx_nonpoly_scheme.ndb_seq_num 
_pdbx_nonpoly_scheme.pdb_seq_num 
_pdbx_nonpoly_scheme.auth_seq_num 
_pdbx_nonpoly_scheme.pdb_mon_id 
_pdbx_nonpoly_scheme.auth_mon_id 
_pdbx_nonpoly_scheme.pdb_strand_id 
_pdbx_nonpoly_scheme.pdb_ins_code 
B 2 HOH 1  2001 2001 HOH HOH A . 
B 2 HOH 2  2002 2002 HOH HOH A . 
B 2 HOH 3  2003 2003 HOH HOH A . 
B 2 HOH 4  2004 2004 HOH HOH A . 
B 2 HOH 5  2005 2005 HOH HOH A . 
B 2 HOH 6  2006 2006 HOH HOH A . 
B 2 HOH 7  2007 2007 HOH HOH A . 
B 2 HOH 8  2008 2008 HOH HOH A . 
B 2 HOH 9  2009 2009 HOH HOH A . 
B 2 HOH 10 2010 2010 HOH HOH A . 
B 2 HOH 11 2011 2011 HOH HOH A . 
B 2 HOH 12 2012 2012 HOH HOH A . 
B 2 HOH 13 2013 2013 HOH HOH A . 
B 2 HOH 14 2014 2014 HOH HOH A . 
B 2 HOH 15 2015 2015 HOH HOH A . 
B 2 HOH 16 2016 2016 HOH HOH A . 
B 2 HOH 17 2017 2017 HOH HOH A . 
B 2 HOH 18 2018 2018 HOH HOH A . 
B 2 HOH 19 2019 2019 HOH HOH A . 
B 2 HOH 20 2020 2020 HOH HOH A . 
B 2 HOH 21 2021 2021 HOH HOH A . 
B 2 HOH 22 2022 2022 HOH HOH A . 
B 2 HOH 23 2023 2023 HOH HOH A . 
B 2 HOH 24 2024 2024 HOH HOH A . 
B 2 HOH 25 2025 2025 HOH HOH A . 
B 2 HOH 26 2026 2026 HOH HOH A . 
B 2 HOH 27 2027 2027 HOH HOH A . 
B 2 HOH 28 2028 2028 HOH HOH A . 
B 2 HOH 29 2029 2029 HOH HOH A . 
B 2 HOH 30 2030 2030 HOH HOH A . 
B 2 HOH 31 2031 2031 HOH HOH A . 
B 2 HOH 32 2032 2032 HOH HOH A . 
B 2 HOH 33 2033 2033 HOH HOH A . 
B 2 HOH 34 2034 2034 HOH HOH A . 
B 2 HOH 35 2035 2035 HOH HOH A . 
B 2 HOH 36 2036 2036 HOH HOH A . 
B 2 HOH 37 2037 2037 HOH HOH A . 
B 2 HOH 38 2038 2038 HOH HOH A . 
B 2 HOH 39 2039 2039 HOH HOH A . 
B 2 HOH 40 2040 2040 HOH HOH A . 
B 2 HOH 41 2041 2041 HOH HOH A . 
B 2 HOH 42 2042 2042 HOH HOH A . 
B 2 HOH 43 2043 2043 HOH HOH A . 
B 2 HOH 44 2044 2044 HOH HOH A . 
B 2 HOH 45 2045 2045 HOH HOH A . 
B 2 HOH 46 2046 2046 HOH HOH A . 
B 2 HOH 47 2047 2047 HOH HOH A . 
B 2 HOH 48 2048 2048 HOH HOH A . 
B 2 HOH 49 2049 2049 HOH HOH A . 
B 2 HOH 50 2050 2050 HOH HOH A . 
B 2 HOH 51 2051 2051 HOH HOH A . 
B 2 HOH 52 2052 2052 HOH HOH A . 
B 2 HOH 53 2053 2053 HOH HOH A . 
B 2 HOH 54 2054 2054 HOH HOH A . 
B 2 HOH 55 2055 2055 HOH HOH A . 
B 2 HOH 56 2056 2056 HOH HOH A . 
B 2 HOH 57 2057 2057 HOH HOH A . 
B 2 HOH 58 2058 2058 HOH HOH A . 
B 2 HOH 59 2059 2059 HOH HOH A . 
B 2 HOH 60 2060 2060 HOH HOH A . 
B 2 HOH 61 2061 2061 HOH HOH A . 
B 2 HOH 62 2062 2062 HOH HOH A . 
B 2 HOH 63 2063 2063 HOH HOH A . 
B 2 HOH 64 2064 2064 HOH HOH A . 
B 2 HOH 65 2065 2065 HOH HOH A . 
B 2 HOH 66 2066 2066 HOH HOH A . 
B 2 HOH 67 2067 2067 HOH HOH A . 
B 2 HOH 68 2068 2068 HOH HOH A . 
B 2 HOH 69 2069 2069 HOH HOH A . 
B 2 HOH 70 2070 2070 HOH HOH A . 
B 2 HOH 71 2071 2071 HOH HOH A . 
B 2 HOH 72 2072 2072 HOH HOH A . 
B 2 HOH 73 2073 2073 HOH HOH A . 
B 2 HOH 74 2074 2074 HOH HOH A . 
B 2 HOH 75 2075 2075 HOH HOH A . 
B 2 HOH 76 2076 2076 HOH HOH A . 
B 2 HOH 77 2077 2077 HOH HOH A . 
B 2 HOH 78 2078 2078 HOH HOH A . 
# 
loop_
_software.name 
_software.classification 
_software.version 
_software.citation_id 
_software.pdbx_ordinal 
DENZO     'data reduction' . ? 1 
SCALEPACK 'data scaling'   . ? 2 
SHELXD    phasing          . ? 3 
SHELXE    phasing          . ? 4 
SHELXL-97 refinement       . ? 5 
# 
_cell.entry_id           1H34 
_cell.length_a           109.157 
_cell.length_b           109.157 
_cell.length_c           109.157 
_cell.angle_alpha        90.00 
_cell.angle_beta         90.00 
_cell.angle_gamma        90.00 
_cell.Z_PDB              24 
_cell.pdbx_unique_axis   ? 
# 
_symmetry.entry_id                         1H34 
_symmetry.space_group_name_H-M             'I 21 3' 
_symmetry.pdbx_full_space_group_name_H-M   ? 
_symmetry.cell_setting                     ? 
_symmetry.Int_Tables_number                199 
# 
_exptl.entry_id          1H34 
_exptl.method            'X-RAY DIFFRACTION' 
_exptl.crystals_number   1 
# 
_exptl_crystal.id                    1 
_exptl_crystal.density_meas          ? 
_exptl_crystal.density_Matthews      6.02 
_exptl_crystal.density_percent_sol   79.5 
_exptl_crystal.description           'PHASED USING IN-HOUSE SULFUR-SAD DATA' 
# 
_exptl_crystal_grow.crystal_id      1 
_exptl_crystal_grow.method          ? 
_exptl_crystal_grow.temp            ? 
_exptl_crystal_grow.temp_details    ? 
_exptl_crystal_grow.pH              7.50 
_exptl_crystal_grow.pdbx_pH_range   ? 
_exptl_crystal_grow.pdbx_details    '0.6 M K,NA-TARTRATE, 0.1 M HEPES PH 7.5' 
# 
_diffrn.id                     1 
_diffrn.ambient_temp           100.0 
_diffrn.ambient_temp_details   ? 
_diffrn.crystal_id             1 
# 
_diffrn_detector.diffrn_id              1 
_diffrn_detector.detector               'IMAGE PLATE' 
_diffrn_detector.type                   MARRESEARCH 
_diffrn_detector.pdbx_collection_date   2002-04-15 
_diffrn_detector.details                ? 
# 
_diffrn_radiation.diffrn_id                        1 
_diffrn_radiation.wavelength_id                    1 
_diffrn_radiation.pdbx_monochromatic_or_laue_m_l   M 
_diffrn_radiation.monochromator                    ? 
_diffrn_radiation.pdbx_diffrn_protocol             'SINGLE WAVELENGTH' 
_diffrn_radiation.pdbx_scattering_type             x-ray 
# 
_diffrn_radiation_wavelength.id           1 
_diffrn_radiation_wavelength.wavelength   0.8431 
_diffrn_radiation_wavelength.wt           1.0 
# 
_diffrn_source.diffrn_id                   1 
_diffrn_source.source                      SYNCHROTRON 
_diffrn_source.type                        'EMBL/DESY, HAMBURG BEAMLINE BW7B' 
_diffrn_source.pdbx_synchrotron_site       'EMBL/DESY, HAMBURG' 
_diffrn_source.pdbx_synchrotron_beamline   BW7B 
_diffrn_source.pdbx_wavelength             0.8431 
_diffrn_source.pdbx_wavelength_list        ? 
# 
_reflns.pdbx_diffrn_id               1 
_reflns.pdbx_ordinal                 1 
_reflns.entry_id                     1H34 
_reflns.observed_criterion_sigma_I   ? 
_reflns.observed_criterion_sigma_F   ? 
_reflns.d_resolution_low             77.190 
_reflns.d_resolution_high            2.040 
_reflns.number_obs                   13776 
_reflns.number_all                   ? 
_reflns.percent_possible_obs         98.5 
_reflns.pdbx_Rmerge_I_obs            0.05670 
_reflns.pdbx_Rsym_value              ? 
_reflns.pdbx_netI_over_sigmaI        12.4300 
_reflns.B_iso_Wilson_estimate        ? 
_reflns.pdbx_redundancy              6.330 
# 
_reflns_shell.pdbx_diffrn_id         1 
_reflns_shell.pdbx_ordinal           1 
_reflns_shell.d_res_high             2.04 
_reflns_shell.d_res_low              2.15 
_reflns_shell.percent_possible_all   96.1 
_reflns_shell.Rmerge_I_obs           0.29750 
_reflns_shell.pdbx_Rsym_value        ? 
_reflns_shell.meanI_over_sigI_obs    3.580 
_reflns_shell.pdbx_redundancy        3.08 
# 
_refine.pdbx_refine_id                           'X-RAY DIFFRACTION' 
_refine.entry_id                                 1H34 
_refine.pdbx_diffrn_id                           1 
_refine.pdbx_TLS_residual_ADP_flag               ? 
_refine.ls_number_reflns_obs                     ? 
_refine.ls_number_reflns_all                     13638 
_refine.pdbx_ls_sigma_I                          ? 
_refine.pdbx_ls_sigma_F                          0.0 
_refine.pdbx_data_cutoff_high_absF               ? 
_refine.pdbx_data_cutoff_low_absF                ? 
_refine.pdbx_data_cutoff_high_rms_absF           ? 
_refine.ls_d_res_low                             10.00 
_refine.ls_d_res_high                            2.04 
_refine.ls_percent_reflns_obs                    98.7 
_refine.ls_R_factor_obs                          0.2534 
_refine.ls_R_factor_all                          0.2529 
_refine.ls_R_factor_R_work                       ? 
_refine.ls_R_factor_R_free                       0.2753 
_refine.ls_R_factor_R_free_error                 ? 
_refine.ls_R_factor_R_free_error_details         ? 
_refine.ls_percent_reflns_R_free                 5.0 
_refine.ls_number_reflns_R_free                  676 
_refine.ls_number_parameters                     2007 
_refine.ls_number_restraints                     1747 
_refine.occupancy_min                            ? 
_refine.occupancy_max                            ? 
_refine.correlation_coeff_Fo_to_Fc               ? 
_refine.correlation_coeff_Fo_to_Fc_free          ? 
_refine.B_iso_mean                               ? 
_refine.aniso_B[1][1]                            ? 
_refine.aniso_B[2][2]                            ? 
_refine.aniso_B[3][3]                            ? 
_refine.aniso_B[1][2]                            ? 
_refine.aniso_B[1][3]                            ? 
_refine.aniso_B[2][3]                            ? 
_refine.solvent_model_details                    'MOEWS & KRETSINGER, J.MOL.BIOL.91(1973)201-228' 
_refine.solvent_model_param_ksol                 ? 
_refine.solvent_model_param_bsol                 ? 
_refine.pdbx_solvent_vdw_probe_radii             ? 
_refine.pdbx_solvent_ion_probe_radii             ? 
_refine.pdbx_solvent_shrinkage_radii             ? 
_refine.pdbx_ls_cross_valid_method               'FREE R-VALUE' 
_refine.details                                  'THE FIRST 15 AND THE LAST 11 RESIDUES ARE NOT VISIBLE' 
_refine.pdbx_starting_model                      ? 
_refine.pdbx_method_to_determine_struct          OTHER 
_refine.pdbx_isotropic_thermal_model             ? 
_refine.pdbx_stereochemistry_target_values       'ENGH AND HUBER' 
_refine.pdbx_stereochem_target_val_spec_case     ? 
_refine.pdbx_R_Free_selection_details            RANDOM 
_refine.pdbx_overall_ESU_R                       ? 
_refine.pdbx_overall_ESU_R_Free                  ? 
_refine.overall_SU_ML                            ? 
_refine.pdbx_overall_phase_error                 ? 
_refine.overall_SU_B                             ? 
_refine.overall_SU_R_Cruickshank_DPI             ? 
_refine.pdbx_overall_SU_R_free_Cruickshank_DPI   ? 
_refine.pdbx_overall_SU_R_Blow_DPI               ? 
_refine.pdbx_overall_SU_R_free_Blow_DPI          ? 
# 
_refine_analyze.pdbx_refine_id                  'X-RAY DIFFRACTION' 
_refine_analyze.entry_id                        1H34 
_refine_analyze.Luzzati_coordinate_error_obs    ? 
_refine_analyze.Luzzati_sigma_a_obs             ? 
_refine_analyze.Luzzati_d_res_low_obs           ? 
_refine_analyze.Luzzati_coordinate_error_free   ? 
_refine_analyze.Luzzati_sigma_a_free            ? 
_refine_analyze.Luzzati_d_res_low_free          ? 
_refine_analyze.number_disordered_residues      0 
_refine_analyze.occupancy_sum_hydrogen          ? 
_refine_analyze.occupancy_sum_non_hydrogen      500.83 
# 
_refine_hist.pdbx_refine_id                   'X-RAY DIFFRACTION' 
_refine_hist.cycle_id                         LAST 
_refine_hist.pdbx_number_atoms_protein        424 
_refine_hist.pdbx_number_atoms_nucleic_acid   0 
_refine_hist.pdbx_number_atoms_ligand         0 
_refine_hist.number_atoms_solvent             78 
_refine_hist.number_atoms_total               502 
_refine_hist.d_res_high                       2.04 
_refine_hist.d_res_low                        10.00 
# 
loop_
_refine_ls_restr.type 
_refine_ls_restr.dev_ideal 
_refine_ls_restr.dev_ideal_target 
_refine_ls_restr.weight 
_refine_ls_restr.number 
_refine_ls_restr.pdbx_refine_id 
_refine_ls_restr.pdbx_restraint_function 
s_bond_d               0.009  ? ? ? 'X-RAY DIFFRACTION' ? 
s_angle_d              0.030  ? ? ? 'X-RAY DIFFRACTION' ? 
s_similar_dist         ?      ? ? ? 'X-RAY DIFFRACTION' ? 
s_from_restr_planes    0.0315 ? ? ? 'X-RAY DIFFRACTION' ? 
s_zero_chiral_vol      0.047  ? ? ? 'X-RAY DIFFRACTION' ? 
s_non_zero_chiral_vol  0.063  ? ? ? 'X-RAY DIFFRACTION' ? 
s_anti_bump_dis_restr  0.01   ? ? ? 'X-RAY DIFFRACTION' ? 
s_rigid_bond_adp_cmpnt ?      ? ? ? 'X-RAY DIFFRACTION' ? 
s_similar_adp_cmpnt    0.097  ? ? ? 'X-RAY DIFFRACTION' ? 
s_approx_iso_adps      ?      ? ? ? 'X-RAY DIFFRACTION' ? 
# 
_pdbx_refine.pdbx_refine_id                              'X-RAY DIFFRACTION' 
_pdbx_refine.entry_id                                    1H34 
_pdbx_refine.R_factor_all_no_cutoff                      0.2529 
_pdbx_refine.R_factor_obs_no_cutoff                      0.2534 
_pdbx_refine.free_R_factor_no_cutoff                     0.2753 
_pdbx_refine.free_R_error_no_cutoff                      ? 
_pdbx_refine.free_R_val_test_set_size_perc_no_cutoff     5.0 
_pdbx_refine.free_R_val_test_set_ct_no_cutoff            676 
_pdbx_refine.R_factor_all_4sig_cutoff                    0.2302 
_pdbx_refine.R_factor_obs_4sig_cutoff                    0.2306 
_pdbx_refine.free_R_factor_4sig_cutoff                   0.2497 
_pdbx_refine.free_R_val_test_set_size_perc_4sig_cutoff   5.0 
_pdbx_refine.free_R_val_test_set_ct_4sig_cutoff          555 
_pdbx_refine.number_reflns_obs_4sig_cutoff               1982 
# 
_struct.entry_id                  1H34 
_struct.title                     'Crystal structure of lima bean trypsin inhibitor' 
_struct.pdbx_model_details        ? 
_struct.pdbx_CASP_flag            ? 
_struct.pdbx_model_type_details   ? 
# 
_struct_keywords.entry_id        1H34 
_struct_keywords.pdbx_keywords   INHIBITOR 
_struct_keywords.text            'INHIBITOR, BOWMAN-BIRK-TYPE PROTEINASE INHIBITOR, SERINE PROTEASE INHIBITOR' 
# 
loop_
_struct_asym.id 
_struct_asym.pdbx_blank_PDB_chainid_flag 
_struct_asym.pdbx_modified 
_struct_asym.entity_id 
_struct_asym.details 
A N N 1 ? 
B N N 2 ? 
# 
_struct_ref.id                         1 
_struct_ref.db_name                    UNP 
_struct_ref.db_code                    IBB_PHALU 
_struct_ref.entity_id                  1 
_struct_ref.pdbx_seq_one_letter_code   ? 
_struct_ref.pdbx_align_begin           ? 
_struct_ref.pdbx_db_accession          P01056 
_struct_ref.pdbx_db_isoform            ? 
# 
_struct_ref_seq.align_id                      1 
_struct_ref_seq.ref_id                        1 
_struct_ref_seq.pdbx_PDB_id_code              1H34 
_struct_ref_seq.pdbx_strand_id                A 
_struct_ref_seq.seq_align_beg                 1 
_struct_ref_seq.pdbx_seq_align_beg_ins_code   ? 
_struct_ref_seq.seq_align_end                 83 
_struct_ref_seq.pdbx_seq_align_end_ins_code   ? 
_struct_ref_seq.pdbx_db_accession             P01056 
_struct_ref_seq.db_align_beg                  1 
_struct_ref_seq.pdbx_db_align_beg_ins_code    ? 
_struct_ref_seq.db_align_end                  83 
_struct_ref_seq.pdbx_db_align_end_ins_code    ? 
_struct_ref_seq.pdbx_auth_seq_align_beg       1 
_struct_ref_seq.pdbx_auth_seq_align_end       83 
# 
_struct_ref_seq_dif.align_id                     1 
_struct_ref_seq_dif.pdbx_pdb_id_code             1H34 
_struct_ref_seq_dif.mon_id                       SER 
_struct_ref_seq_dif.pdbx_pdb_strand_id           A 
_struct_ref_seq_dif.seq_num                      23 
_struct_ref_seq_dif.pdbx_pdb_ins_code            ? 
_struct_ref_seq_dif.pdbx_seq_db_name             UNP 
_struct_ref_seq_dif.pdbx_seq_db_accession_code   P01056 
_struct_ref_seq_dif.db_mon_id                    ALA 
_struct_ref_seq_dif.pdbx_seq_db_seq_num          23 
_struct_ref_seq_dif.details                      conflict 
_struct_ref_seq_dif.pdbx_auth_seq_num            23 
_struct_ref_seq_dif.pdbx_ordinal                 1 
# 
_pdbx_struct_assembly.id                   1 
_pdbx_struct_assembly.details              author_and_software_defined_assembly 
_pdbx_struct_assembly.method_details       PQS 
_pdbx_struct_assembly.oligomeric_details   dimeric 
_pdbx_struct_assembly.oligomeric_count     2 
# 
_pdbx_struct_assembly_gen.assembly_id       1 
_pdbx_struct_assembly_gen.oper_expression   1,2 
_pdbx_struct_assembly_gen.asym_id_list      A,B 
# 
loop_
_pdbx_struct_oper_list.id 
_pdbx_struct_oper_list.type 
_pdbx_struct_oper_list.name 
_pdbx_struct_oper_list.symmetry_operation 
_pdbx_struct_oper_list.matrix[1][1] 
_pdbx_struct_oper_list.matrix[1][2] 
_pdbx_struct_oper_list.matrix[1][3] 
_pdbx_struct_oper_list.vector[1] 
_pdbx_struct_oper_list.matrix[2][1] 
_pdbx_struct_oper_list.matrix[2][2] 
_pdbx_struct_oper_list.matrix[2][3] 
_pdbx_struct_oper_list.vector[2] 
_pdbx_struct_oper_list.matrix[3][1] 
_pdbx_struct_oper_list.matrix[3][2] 
_pdbx_struct_oper_list.matrix[3][3] 
_pdbx_struct_oper_list.vector[3] 
1 'identity operation'         1_555  x,y,z       1.0000000000  0.0000000000  0.0000000000 0.0000000000  0.0000000000  1.0000000000 0.0000000000  0.0000000000 0.0000000000 0.0000000000  1.0000000000  0.0000000000 
2 'crystal symmetry operation' 15_555 -x+1/2,y,-z -0.2920964610 -0.9109410660 0.2913177504 10.7155113932 -0.9109410660 0.1722128511 -0.3748721224 9.7050600966 0.2913177504 -0.3748721224 -0.8801163901 4.3086607358 
# 
_struct_biol.id   1 
# 
loop_
_struct_conn.id 
_struct_conn.conn_type_id 
_struct_conn.pdbx_leaving_atom_flag 
_struct_conn.pdbx_PDB_id 
_struct_conn.ptnr1_label_asym_id 
_struct_conn.ptnr1_label_comp_id 
_struct_conn.ptnr1_label_seq_id 
_struct_conn.ptnr1_label_atom_id 
_struct_conn.pdbx_ptnr1_label_alt_id 
_struct_conn.pdbx_ptnr1_PDB_ins_code 
_struct_conn.pdbx_ptnr1_standard_comp_id 
_struct_conn.ptnr1_symmetry 
_struct_conn.ptnr2_label_asym_id 
_struct_conn.ptnr2_label_comp_id 
_struct_conn.ptnr2_label_seq_id 
_struct_conn.ptnr2_label_atom_id 
_struct_conn.pdbx_ptnr2_label_alt_id 
_struct_conn.pdbx_ptnr2_PDB_ins_code 
_struct_conn.ptnr1_auth_asym_id 
_struct_conn.ptnr1_auth_comp_id 
_struct_conn.ptnr1_auth_seq_id 
_struct_conn.ptnr2_auth_asym_id 
_struct_conn.ptnr2_auth_comp_id 
_struct_conn.ptnr2_auth_seq_id 
_struct_conn.ptnr2_symmetry 
_struct_conn.pdbx_ptnr3_label_atom_id 
_struct_conn.pdbx_ptnr3_label_seq_id 
_struct_conn.pdbx_ptnr3_label_comp_id 
_struct_conn.pdbx_ptnr3_label_asym_id 
_struct_conn.pdbx_ptnr3_label_alt_id 
_struct_conn.pdbx_ptnr3_PDB_ins_code 
_struct_conn.details 
_struct_conn.pdbx_dist_value 
_struct_conn.pdbx_value_order 
_struct_conn.pdbx_role 
disulf1 disulf ? ? A CYS 18 SG ? ? ? 1_555 A CYS 72 SG ? ? A CYS 18 A CYS 72 1_555 ? ? ? ? ? ? ? 2.030 ? ? 
disulf2 disulf ? ? A CYS 19 SG ? ? ? 1_555 A CYS 34 SG ? ? A CYS 19 A CYS 34 1_555 ? ? ? ? ? ? ? 2.105 ? ? 
disulf3 disulf ? ? A CYS 22 SG ? ? ? 1_555 A CYS 68 SG ? ? A CYS 22 A CYS 68 1_555 ? ? ? ? ? ? ? 2.033 ? ? 
disulf4 disulf ? ? A CYS 24 SG ? ? ? 1_555 A CYS 32 SG ? ? A CYS 24 A CYS 32 1_555 ? ? ? ? ? ? ? 2.023 ? ? 
disulf5 disulf ? ? A CYS 42 SG ? ? ? 1_555 A CYS 49 SG ? ? A CYS 42 A CYS 49 1_555 ? ? ? ? ? ? ? 2.065 ? ? 
disulf6 disulf ? ? A CYS 46 SG ? ? ? 1_555 A CYS 61 SG ? ? A CYS 46 A CYS 61 1_555 ? ? ? ? ? ? ? 2.090 ? ? 
disulf7 disulf ? ? A CYS 51 SG ? ? ? 1_555 A CYS 59 SG ? ? A CYS 51 A CYS 59 1_555 ? ? ? ? ? ? ? 2.046 ? ? 
# 
_struct_conn_type.id          disulf 
_struct_conn_type.criteria    ? 
_struct_conn_type.reference   ? 
# 
loop_
_pdbx_modification_feature.ordinal 
_pdbx_modification_feature.label_comp_id 
_pdbx_modification_feature.label_asym_id 
_pdbx_modification_feature.label_seq_id 
_pdbx_modification_feature.label_alt_id 
_pdbx_modification_feature.modified_residue_label_comp_id 
_pdbx_modification_feature.modified_residue_label_asym_id 
_pdbx_modification_feature.modified_residue_label_seq_id 
_pdbx_modification_feature.modified_residue_label_alt_id 
_pdbx_modification_feature.auth_comp_id 
_pdbx_modification_feature.auth_asym_id 
_pdbx_modification_feature.auth_seq_id 
_pdbx_modification_feature.PDB_ins_code 
_pdbx_modification_feature.symmetry 
_pdbx_modification_feature.modified_residue_auth_comp_id 
_pdbx_modification_feature.modified_residue_auth_asym_id 
_pdbx_modification_feature.modified_residue_auth_seq_id 
_pdbx_modification_feature.modified_residue_PDB_ins_code 
_pdbx_modification_feature.modified_residue_symmetry 
_pdbx_modification_feature.comp_id_linking_atom 
_pdbx_modification_feature.modified_residue_id_linking_atom 
_pdbx_modification_feature.modified_residue_id 
_pdbx_modification_feature.ref_pcm_id 
_pdbx_modification_feature.ref_comp_id 
_pdbx_modification_feature.type 
_pdbx_modification_feature.category 
1 CYS A 18 ? CYS A 72 ? CYS A 18 ? 1_555 CYS A 72 ? 1_555 SG SG . . . None 'Disulfide bridge' 
2 CYS A 19 ? CYS A 34 ? CYS A 19 ? 1_555 CYS A 34 ? 1_555 SG SG . . . None 'Disulfide bridge' 
3 CYS A 22 ? CYS A 68 ? CYS A 22 ? 1_555 CYS A 68 ? 1_555 SG SG . . . None 'Disulfide bridge' 
4 CYS A 24 ? CYS A 32 ? CYS A 24 ? 1_555 CYS A 32 ? 1_555 SG SG . . . None 'Disulfide bridge' 
5 CYS A 42 ? CYS A 49 ? CYS A 42 ? 1_555 CYS A 49 ? 1_555 SG SG . . . None 'Disulfide bridge' 
6 CYS A 46 ? CYS A 61 ? CYS A 46 ? 1_555 CYS A 61 ? 1_555 SG SG . . . None 'Disulfide bridge' 
7 CYS A 51 ? CYS A 59 ? CYS A 51 ? 1_555 CYS A 59 ? 1_555 SG SG . . . None 'Disulfide bridge' 
# 
loop_
_struct_mon_prot_cis.pdbx_id 
_struct_mon_prot_cis.label_comp_id 
_struct_mon_prot_cis.label_seq_id 
_struct_mon_prot_cis.label_asym_id 
_struct_mon_prot_cis.label_alt_id 
_struct_mon_prot_cis.pdbx_PDB_ins_code 
_struct_mon_prot_cis.auth_comp_id 
_struct_mon_prot_cis.auth_seq_id 
_struct_mon_prot_cis.auth_asym_id 
_struct_mon_prot_cis.pdbx_label_comp_id_2 
_struct_mon_prot_cis.pdbx_label_seq_id_2 
_struct_mon_prot_cis.pdbx_label_asym_id_2 
_struct_mon_prot_cis.pdbx_PDB_ins_code_2 
_struct_mon_prot_cis.pdbx_auth_comp_id_2 
_struct_mon_prot_cis.pdbx_auth_seq_id_2 
_struct_mon_prot_cis.pdbx_auth_asym_id_2 
_struct_mon_prot_cis.pdbx_PDB_model_num 
_struct_mon_prot_cis.pdbx_omega_angle 
1 ILE 28 A . ? ILE 28 A PRO 29 A ? PRO 29 A 1 -2.61 
2 ILE 55 A . ? ILE 55 A PRO 56 A ? PRO 56 A 1 -0.94 
# 
loop_
_struct_sheet.id 
_struct_sheet.type 
_struct_sheet.number_strands 
_struct_sheet.details 
AA ? 2 ? 
AB ? 3 ? 
# 
loop_
_struct_sheet_order.sheet_id 
_struct_sheet_order.range_id_1 
_struct_sheet_order.range_id_2 
_struct_sheet_order.offset 
_struct_sheet_order.sense 
AA 1 2 ? anti-parallel 
AB 1 2 ? anti-parallel 
AB 2 3 ? anti-parallel 
# 
loop_
_struct_sheet_range.sheet_id 
_struct_sheet_range.id 
_struct_sheet_range.beg_label_comp_id 
_struct_sheet_range.beg_label_asym_id 
_struct_sheet_range.beg_label_seq_id 
_struct_sheet_range.pdbx_beg_PDB_ins_code 
_struct_sheet_range.end_label_comp_id 
_struct_sheet_range.end_label_asym_id 
_struct_sheet_range.end_label_seq_id 
_struct_sheet_range.pdbx_end_PDB_ins_code 
_struct_sheet_range.beg_auth_comp_id 
_struct_sheet_range.beg_auth_asym_id 
_struct_sheet_range.beg_auth_seq_id 
_struct_sheet_range.end_auth_comp_id 
_struct_sheet_range.end_auth_asym_id 
_struct_sheet_range.end_auth_seq_id 
AA 1 CYS A 22 ? CYS A 24 ? CYS A 22 CYS A 24 
AA 2 CYS A 32 ? CYS A 34 ? CYS A 32 CYS A 34 
AB 1 LEU A 37 ? LEU A 39 ? LEU A 37 LEU A 39 
AB 2 GLN A 58 ? CYS A 61 ? GLN A 58 CYS A 61 
AB 3 CYS A 49 ? CYS A 51 ? CYS A 49 CYS A 51 
# 
loop_
_pdbx_struct_sheet_hbond.sheet_id 
_pdbx_struct_sheet_hbond.range_id_1 
_pdbx_struct_sheet_hbond.range_id_2 
_pdbx_struct_sheet_hbond.range_1_label_atom_id 
_pdbx_struct_sheet_hbond.range_1_label_comp_id 
_pdbx_struct_sheet_hbond.range_1_label_asym_id 
_pdbx_struct_sheet_hbond.range_1_label_seq_id 
_pdbx_struct_sheet_hbond.range_1_PDB_ins_code 
_pdbx_struct_sheet_hbond.range_1_auth_atom_id 
_pdbx_struct_sheet_hbond.range_1_auth_comp_id 
_pdbx_struct_sheet_hbond.range_1_auth_asym_id 
_pdbx_struct_sheet_hbond.range_1_auth_seq_id 
_pdbx_struct_sheet_hbond.range_2_label_atom_id 
_pdbx_struct_sheet_hbond.range_2_label_comp_id 
_pdbx_struct_sheet_hbond.range_2_label_asym_id 
_pdbx_struct_sheet_hbond.range_2_label_seq_id 
_pdbx_struct_sheet_hbond.range_2_PDB_ins_code 
_pdbx_struct_sheet_hbond.range_2_auth_atom_id 
_pdbx_struct_sheet_hbond.range_2_auth_comp_id 
_pdbx_struct_sheet_hbond.range_2_auth_asym_id 
_pdbx_struct_sheet_hbond.range_2_auth_seq_id 
AA 1 2 N SER A 23 ? N SER A 23 O ARG A 33 ? O ARG A 33 
AB 1 2 N ARG A 38 ? N ARG A 38 O CYS A 59 ? O CYS A 59 
AB 2 3 N VAL A 60 ? N VAL A 60 O ILE A 50 ? O ILE A 50 
# 
_pdbx_entry_details.entry_id                   1H34 
_pdbx_entry_details.compound_details           
;BELONGS TO THE BOWMAN-BIRK SERINE PROTEASE INHIBITOR
 FAMILY.
;
_pdbx_entry_details.source_details             ? 
_pdbx_entry_details.nonpolymer_details         ? 
_pdbx_entry_details.sequence_details           ? 
_pdbx_entry_details.has_ligand_of_interest     ? 
_pdbx_entry_details.has_protein_modification   Y 
# 
loop_
_pdbx_validate_rmsd_angle.id 
_pdbx_validate_rmsd_angle.PDB_model_num 
_pdbx_validate_rmsd_angle.auth_atom_id_1 
_pdbx_validate_rmsd_angle.auth_asym_id_1 
_pdbx_validate_rmsd_angle.auth_comp_id_1 
_pdbx_validate_rmsd_angle.auth_seq_id_1 
_pdbx_validate_rmsd_angle.PDB_ins_code_1 
_pdbx_validate_rmsd_angle.label_alt_id_1 
_pdbx_validate_rmsd_angle.auth_atom_id_2 
_pdbx_validate_rmsd_angle.auth_asym_id_2 
_pdbx_validate_rmsd_angle.auth_comp_id_2 
_pdbx_validate_rmsd_angle.auth_seq_id_2 
_pdbx_validate_rmsd_angle.PDB_ins_code_2 
_pdbx_validate_rmsd_angle.label_alt_id_2 
_pdbx_validate_rmsd_angle.auth_atom_id_3 
_pdbx_validate_rmsd_angle.auth_asym_id_3 
_pdbx_validate_rmsd_angle.auth_comp_id_3 
_pdbx_validate_rmsd_angle.auth_seq_id_3 
_pdbx_validate_rmsd_angle.PDB_ins_code_3 
_pdbx_validate_rmsd_angle.label_alt_id_3 
_pdbx_validate_rmsd_angle.angle_value 
_pdbx_validate_rmsd_angle.angle_target_value 
_pdbx_validate_rmsd_angle.angle_deviation 
_pdbx_validate_rmsd_angle.angle_standard_deviation 
_pdbx_validate_rmsd_angle.linker_flag 
1 1 OD1 A ASP 62 ? ? CG A ASP 62 ? ? OD2 A ASP 62 ? ? 134.77 123.30 11.47 1.90 N 
2 1 CB  A ASP 62 ? ? CG A ASP 62 ? ? OD1 A ASP 62 ? ? 111.54 118.30 -6.76 0.90 N 
# 
_pdbx_validate_torsion.id              1 
_pdbx_validate_torsion.PDB_model_num   1 
_pdbx_validate_torsion.auth_comp_id    ASP 
_pdbx_validate_torsion.auth_asym_id    A 
_pdbx_validate_torsion.auth_seq_id     40 
_pdbx_validate_torsion.PDB_ins_code    ? 
_pdbx_validate_torsion.label_alt_id    ? 
_pdbx_validate_torsion.phi             73.74 
_pdbx_validate_torsion.psi             -39.53 
# 
loop_
_pdbx_struct_special_symmetry.id 
_pdbx_struct_special_symmetry.PDB_model_num 
_pdbx_struct_special_symmetry.auth_asym_id 
_pdbx_struct_special_symmetry.auth_comp_id 
_pdbx_struct_special_symmetry.auth_seq_id 
_pdbx_struct_special_symmetry.PDB_ins_code 
_pdbx_struct_special_symmetry.label_asym_id 
_pdbx_struct_special_symmetry.label_comp_id 
_pdbx_struct_special_symmetry.label_seq_id 
1 1 A HOH 2002 ? B HOH . 
2 1 A HOH 2015 ? B HOH . 
# 
loop_
_pdbx_unobs_or_zero_occ_residues.id 
_pdbx_unobs_or_zero_occ_residues.PDB_model_num 
_pdbx_unobs_or_zero_occ_residues.polymer_flag 
_pdbx_unobs_or_zero_occ_residues.occupancy_flag 
_pdbx_unobs_or_zero_occ_residues.auth_asym_id 
_pdbx_unobs_or_zero_occ_residues.auth_comp_id 
_pdbx_unobs_or_zero_occ_residues.auth_seq_id 
_pdbx_unobs_or_zero_occ_residues.PDB_ins_code 
_pdbx_unobs_or_zero_occ_residues.label_asym_id 
_pdbx_unobs_or_zero_occ_residues.label_comp_id 
_pdbx_unobs_or_zero_occ_residues.label_seq_id 
1  1 Y 1 A SER 1  ? A SER 1  
2  1 Y 1 A GLY 2  ? A GLY 2  
3  1 Y 1 A HIS 3  ? A HIS 3  
4  1 Y 1 A HIS 4  ? A HIS 4  
5  1 Y 1 A GLU 5  ? A GLU 5  
6  1 Y 1 A HIS 6  ? A HIS 6  
7  1 Y 1 A SER 7  ? A SER 7  
8  1 Y 1 A THR 8  ? A THR 8  
9  1 Y 1 A ASP 9  ? A ASP 9  
10 1 Y 1 A GLX 10 ? A GLX 10 
11 1 Y 1 A PRO 11 ? A PRO 11 
12 1 Y 1 A SER 12 ? A SER 12 
13 1 Y 1 A GLX 13 ? A GLX 13 
14 1 Y 1 A SER 14 ? A SER 14 
15 1 Y 1 A SER 15 ? A SER 15 
16 1 Y 1 A LYS 73 ? A LYS 73 
17 1 Y 1 A SER 74 ? A SER 74 
18 1 Y 1 A SER 75 ? A SER 75 
19 1 Y 1 A HIS 76 ? A HIS 76 
20 1 Y 1 A SER 77 ? A SER 77 
21 1 Y 1 A ASP 78 ? A ASP 78 
22 1 Y 1 A ASP 79 ? A ASP 79 
23 1 Y 1 A ASP 80 ? A ASP 80 
24 1 Y 1 A ASN 81 ? A ASN 81 
25 1 Y 1 A ASN 82 ? A ASN 82 
26 1 Y 1 A ASN 83 ? A ASN 83 
# 
loop_
_chem_comp_atom.comp_id 
_chem_comp_atom.atom_id 
_chem_comp_atom.type_symbol 
_chem_comp_atom.pdbx_aromatic_flag 
_chem_comp_atom.pdbx_stereo_config 
_chem_comp_atom.pdbx_ordinal 
ALA N    N N N 1   
ALA CA   C N S 2   
ALA C    C N N 3   
ALA O    O N N 4   
ALA CB   C N N 5   
ALA OXT  O N N 6   
ALA H    H N N 7   
ALA H2   H N N 8   
ALA HA   H N N 9   
ALA HB1  H N N 10  
ALA HB2  H N N 11  
ALA HB3  H N N 12  
ALA HXT  H N N 13  
ARG N    N N N 14  
ARG CA   C N S 15  
ARG C    C N N 16  
ARG O    O N N 17  
ARG CB   C N N 18  
ARG CG   C N N 19  
ARG CD   C N N 20  
ARG NE   N N N 21  
ARG CZ   C N N 22  
ARG NH1  N N N 23  
ARG NH2  N N N 24  
ARG OXT  O N N 25  
ARG H    H N N 26  
ARG H2   H N N 27  
ARG HA   H N N 28  
ARG HB2  H N N 29  
ARG HB3  H N N 30  
ARG HG2  H N N 31  
ARG HG3  H N N 32  
ARG HD2  H N N 33  
ARG HD3  H N N 34  
ARG HE   H N N 35  
ARG HH11 H N N 36  
ARG HH12 H N N 37  
ARG HH21 H N N 38  
ARG HH22 H N N 39  
ARG HXT  H N N 40  
ASN N    N N N 41  
ASN CA   C N S 42  
ASN C    C N N 43  
ASN O    O N N 44  
ASN CB   C N N 45  
ASN CG   C N N 46  
ASN OD1  O N N 47  
ASN ND2  N N N 48  
ASN OXT  O N N 49  
ASN H    H N N 50  
ASN H2   H N N 51  
ASN HA   H N N 52  
ASN HB2  H N N 53  
ASN HB3  H N N 54  
ASN HD21 H N N 55  
ASN HD22 H N N 56  
ASN HXT  H N N 57  
ASP N    N N N 58  
ASP CA   C N S 59  
ASP C    C N N 60  
ASP O    O N N 61  
ASP CB   C N N 62  
ASP CG   C N N 63  
ASP OD1  O N N 64  
ASP OD2  O N N 65  
ASP OXT  O N N 66  
ASP H    H N N 67  
ASP H2   H N N 68  
ASP HA   H N N 69  
ASP HB2  H N N 70  
ASP HB3  H N N 71  
ASP HD2  H N N 72  
ASP HXT  H N N 73  
CYS N    N N N 74  
CYS CA   C N R 75  
CYS C    C N N 76  
CYS O    O N N 77  
CYS CB   C N N 78  
CYS SG   S N N 79  
CYS OXT  O N N 80  
CYS H    H N N 81  
CYS H2   H N N 82  
CYS HA   H N N 83  
CYS HB2  H N N 84  
CYS HB3  H N N 85  
CYS HG   H N N 86  
CYS HXT  H N N 87  
GLN N    N N N 88  
GLN CA   C N S 89  
GLN C    C N N 90  
GLN O    O N N 91  
GLN CB   C N N 92  
GLN CG   C N N 93  
GLN CD   C N N 94  
GLN OE1  O N N 95  
GLN NE2  N N N 96  
GLN OXT  O N N 97  
GLN H    H N N 98  
GLN H2   H N N 99  
GLN HA   H N N 100 
GLN HB2  H N N 101 
GLN HB3  H N N 102 
GLN HG2  H N N 103 
GLN HG3  H N N 104 
GLN HE21 H N N 105 
GLN HE22 H N N 106 
GLN HXT  H N N 107 
GLU N    N N N 108 
GLU CA   C N S 109 
GLU C    C N N 110 
GLU O    O N N 111 
GLU CB   C N N 112 
GLU CG   C N N 113 
GLU CD   C N N 114 
GLU OE1  O N N 115 
GLU OE2  O N N 116 
GLU OXT  O N N 117 
GLU H    H N N 118 
GLU H2   H N N 119 
GLU HA   H N N 120 
GLU HB2  H N N 121 
GLU HB3  H N N 122 
GLU HG2  H N N 123 
GLU HG3  H N N 124 
GLU HE2  H N N 125 
GLU HXT  H N N 126 
GLX N    N N N 127 
GLX CA   C N S 128 
GLX C    C N N 129 
GLX O    O N N 130 
GLX CB   C N N 131 
GLX CG   C N N 132 
GLX CD   C N N 133 
GLX XE1  X N N 134 
GLX XE2  X N N 135 
GLX HA   H N N 136 
GLX OXT  O N N 137 
GLX HXT  H N N 138 
GLX HB1  H N N 139 
GLX HB2  H N N 140 
GLX HG1  H N N 141 
GLX HG2  H N N 142 
GLX H    H N N 143 
GLX H2   H N N 144 
GLY N    N N N 145 
GLY CA   C N N 146 
GLY C    C N N 147 
GLY O    O N N 148 
GLY OXT  O N N 149 
GLY H    H N N 150 
GLY H2   H N N 151 
GLY HA2  H N N 152 
GLY HA3  H N N 153 
GLY HXT  H N N 154 
HIS N    N N N 155 
HIS CA   C N S 156 
HIS C    C N N 157 
HIS O    O N N 158 
HIS CB   C N N 159 
HIS CG   C Y N 160 
HIS ND1  N Y N 161 
HIS CD2  C Y N 162 
HIS CE1  C Y N 163 
HIS NE2  N Y N 164 
HIS OXT  O N N 165 
HIS H    H N N 166 
HIS H2   H N N 167 
HIS HA   H N N 168 
HIS HB2  H N N 169 
HIS HB3  H N N 170 
HIS HD1  H N N 171 
HIS HD2  H N N 172 
HIS HE1  H N N 173 
HIS HE2  H N N 174 
HIS HXT  H N N 175 
HOH O    O N N 176 
HOH H1   H N N 177 
HOH H2   H N N 178 
ILE N    N N N 179 
ILE CA   C N S 180 
ILE C    C N N 181 
ILE O    O N N 182 
ILE CB   C N S 183 
ILE CG1  C N N 184 
ILE CG2  C N N 185 
ILE CD1  C N N 186 
ILE OXT  O N N 187 
ILE H    H N N 188 
ILE H2   H N N 189 
ILE HA   H N N 190 
ILE HB   H N N 191 
ILE HG12 H N N 192 
ILE HG13 H N N 193 
ILE HG21 H N N 194 
ILE HG22 H N N 195 
ILE HG23 H N N 196 
ILE HD11 H N N 197 
ILE HD12 H N N 198 
ILE HD13 H N N 199 
ILE HXT  H N N 200 
LEU N    N N N 201 
LEU CA   C N S 202 
LEU C    C N N 203 
LEU O    O N N 204 
LEU CB   C N N 205 
LEU CG   C N N 206 
LEU CD1  C N N 207 
LEU CD2  C N N 208 
LEU OXT  O N N 209 
LEU H    H N N 210 
LEU H2   H N N 211 
LEU HA   H N N 212 
LEU HB2  H N N 213 
LEU HB3  H N N 214 
LEU HG   H N N 215 
LEU HD11 H N N 216 
LEU HD12 H N N 217 
LEU HD13 H N N 218 
LEU HD21 H N N 219 
LEU HD22 H N N 220 
LEU HD23 H N N 221 
LEU HXT  H N N 222 
LYS N    N N N 223 
LYS CA   C N S 224 
LYS C    C N N 225 
LYS O    O N N 226 
LYS CB   C N N 227 
LYS CG   C N N 228 
LYS CD   C N N 229 
LYS CE   C N N 230 
LYS NZ   N N N 231 
LYS OXT  O N N 232 
LYS H    H N N 233 
LYS H2   H N N 234 
LYS HA   H N N 235 
LYS HB2  H N N 236 
LYS HB3  H N N 237 
LYS HG2  H N N 238 
LYS HG3  H N N 239 
LYS HD2  H N N 240 
LYS HD3  H N N 241 
LYS HE2  H N N 242 
LYS HE3  H N N 243 
LYS HZ1  H N N 244 
LYS HZ2  H N N 245 
LYS HZ3  H N N 246 
LYS HXT  H N N 247 
PHE N    N N N 248 
PHE CA   C N S 249 
PHE C    C N N 250 
PHE O    O N N 251 
PHE CB   C N N 252 
PHE CG   C Y N 253 
PHE CD1  C Y N 254 
PHE CD2  C Y N 255 
PHE CE1  C Y N 256 
PHE CE2  C Y N 257 
PHE CZ   C Y N 258 
PHE OXT  O N N 259 
PHE H    H N N 260 
PHE H2   H N N 261 
PHE HA   H N N 262 
PHE HB2  H N N 263 
PHE HB3  H N N 264 
PHE HD1  H N N 265 
PHE HD2  H N N 266 
PHE HE1  H N N 267 
PHE HE2  H N N 268 
PHE HZ   H N N 269 
PHE HXT  H N N 270 
PRO N    N N N 271 
PRO CA   C N S 272 
PRO C    C N N 273 
PRO O    O N N 274 
PRO CB   C N N 275 
PRO CG   C N N 276 
PRO CD   C N N 277 
PRO OXT  O N N 278 
PRO H    H N N 279 
PRO HA   H N N 280 
PRO HB2  H N N 281 
PRO HB3  H N N 282 
PRO HG2  H N N 283 
PRO HG3  H N N 284 
PRO HD2  H N N 285 
PRO HD3  H N N 286 
PRO HXT  H N N 287 
SER N    N N N 288 
SER CA   C N S 289 
SER C    C N N 290 
SER O    O N N 291 
SER CB   C N N 292 
SER OG   O N N 293 
SER OXT  O N N 294 
SER H    H N N 295 
SER H2   H N N 296 
SER HA   H N N 297 
SER HB2  H N N 298 
SER HB3  H N N 299 
SER HG   H N N 300 
SER HXT  H N N 301 
THR N    N N N 302 
THR CA   C N S 303 
THR C    C N N 304 
THR O    O N N 305 
THR CB   C N R 306 
THR OG1  O N N 307 
THR CG2  C N N 308 
THR OXT  O N N 309 
THR H    H N N 310 
THR H2   H N N 311 
THR HA   H N N 312 
THR HB   H N N 313 
THR HG1  H N N 314 
THR HG21 H N N 315 
THR HG22 H N N 316 
THR HG23 H N N 317 
THR HXT  H N N 318 
TYR N    N N N 319 
TYR CA   C N S 320 
TYR C    C N N 321 
TYR O    O N N 322 
TYR CB   C N N 323 
TYR CG   C Y N 324 
TYR CD1  C Y N 325 
TYR CD2  C Y N 326 
TYR CE1  C Y N 327 
TYR CE2  C Y N 328 
TYR CZ   C Y N 329 
TYR OH   O N N 330 
TYR OXT  O N N 331 
TYR H    H N N 332 
TYR H2   H N N 333 
TYR HA   H N N 334 
TYR HB2  H N N 335 
TYR HB3  H N N 336 
TYR HD1  H N N 337 
TYR HD2  H N N 338 
TYR HE1  H N N 339 
TYR HE2  H N N 340 
TYR HH   H N N 341 
TYR HXT  H N N 342 
VAL N    N N N 343 
VAL CA   C N S 344 
VAL C    C N N 345 
VAL O    O N N 346 
VAL CB   C N N 347 
VAL CG1  C N N 348 
VAL CG2  C N N 349 
VAL OXT  O N N 350 
VAL H    H N N 351 
VAL H2   H N N 352 
VAL HA   H N N 353 
VAL HB   H N N 354 
VAL HG11 H N N 355 
VAL HG12 H N N 356 
VAL HG13 H N N 357 
VAL HG21 H N N 358 
VAL HG22 H N N 359 
VAL HG23 H N N 360 
VAL HXT  H N N 361 
# 
loop_
_chem_comp_bond.comp_id 
_chem_comp_bond.atom_id_1 
_chem_comp_bond.atom_id_2 
_chem_comp_bond.value_order 
_chem_comp_bond.pdbx_aromatic_flag 
_chem_comp_bond.pdbx_stereo_config 
_chem_comp_bond.pdbx_ordinal 
ALA N   CA   sing N N 1   
ALA N   H    sing N N 2   
ALA N   H2   sing N N 3   
ALA CA  C    sing N N 4   
ALA CA  CB   sing N N 5   
ALA CA  HA   sing N N 6   
ALA C   O    doub N N 7   
ALA C   OXT  sing N N 8   
ALA CB  HB1  sing N N 9   
ALA CB  HB2  sing N N 10  
ALA CB  HB3  sing N N 11  
ALA OXT HXT  sing N N 12  
ARG N   CA   sing N N 13  
ARG N   H    sing N N 14  
ARG N   H2   sing N N 15  
ARG CA  C    sing N N 16  
ARG CA  CB   sing N N 17  
ARG CA  HA   sing N N 18  
ARG C   O    doub N N 19  
ARG C   OXT  sing N N 20  
ARG CB  CG   sing N N 21  
ARG CB  HB2  sing N N 22  
ARG CB  HB3  sing N N 23  
ARG CG  CD   sing N N 24  
ARG CG  HG2  sing N N 25  
ARG CG  HG3  sing N N 26  
ARG CD  NE   sing N N 27  
ARG CD  HD2  sing N N 28  
ARG CD  HD3  sing N N 29  
ARG NE  CZ   sing N N 30  
ARG NE  HE   sing N N 31  
ARG CZ  NH1  sing N N 32  
ARG CZ  NH2  doub N N 33  
ARG NH1 HH11 sing N N 34  
ARG NH1 HH12 sing N N 35  
ARG NH2 HH21 sing N N 36  
ARG NH2 HH22 sing N N 37  
ARG OXT HXT  sing N N 38  
ASN N   CA   sing N N 39  
ASN N   H    sing N N 40  
ASN N   H2   sing N N 41  
ASN CA  C    sing N N 42  
ASN CA  CB   sing N N 43  
ASN CA  HA   sing N N 44  
ASN C   O    doub N N 45  
ASN C   OXT  sing N N 46  
ASN CB  CG   sing N N 47  
ASN CB  HB2  sing N N 48  
ASN CB  HB3  sing N N 49  
ASN CG  OD1  doub N N 50  
ASN CG  ND2  sing N N 51  
ASN ND2 HD21 sing N N 52  
ASN ND2 HD22 sing N N 53  
ASN OXT HXT  sing N N 54  
ASP N   CA   sing N N 55  
ASP N   H    sing N N 56  
ASP N   H2   sing N N 57  
ASP CA  C    sing N N 58  
ASP CA  CB   sing N N 59  
ASP CA  HA   sing N N 60  
ASP C   O    doub N N 61  
ASP C   OXT  sing N N 62  
ASP CB  CG   sing N N 63  
ASP CB  HB2  sing N N 64  
ASP CB  HB3  sing N N 65  
ASP CG  OD1  doub N N 66  
ASP CG  OD2  sing N N 67  
ASP OD2 HD2  sing N N 68  
ASP OXT HXT  sing N N 69  
CYS N   CA   sing N N 70  
CYS N   H    sing N N 71  
CYS N   H2   sing N N 72  
CYS CA  C    sing N N 73  
CYS CA  CB   sing N N 74  
CYS CA  HA   sing N N 75  
CYS C   O    doub N N 76  
CYS C   OXT  sing N N 77  
CYS CB  SG   sing N N 78  
CYS CB  HB2  sing N N 79  
CYS CB  HB3  sing N N 80  
CYS SG  HG   sing N N 81  
CYS OXT HXT  sing N N 82  
GLN N   CA   sing N N 83  
GLN N   H    sing N N 84  
GLN N   H2   sing N N 85  
GLN CA  C    sing N N 86  
GLN CA  CB   sing N N 87  
GLN CA  HA   sing N N 88  
GLN C   O    doub N N 89  
GLN C   OXT  sing N N 90  
GLN CB  CG   sing N N 91  
GLN CB  HB2  sing N N 92  
GLN CB  HB3  sing N N 93  
GLN CG  CD   sing N N 94  
GLN CG  HG2  sing N N 95  
GLN CG  HG3  sing N N 96  
GLN CD  OE1  doub N N 97  
GLN CD  NE2  sing N N 98  
GLN NE2 HE21 sing N N 99  
GLN NE2 HE22 sing N N 100 
GLN OXT HXT  sing N N 101 
GLU N   CA   sing N N 102 
GLU N   H    sing N N 103 
GLU N   H2   sing N N 104 
GLU CA  C    sing N N 105 
GLU CA  CB   sing N N 106 
GLU CA  HA   sing N N 107 
GLU C   O    doub N N 108 
GLU C   OXT  sing N N 109 
GLU CB  CG   sing N N 110 
GLU CB  HB2  sing N N 111 
GLU CB  HB3  sing N N 112 
GLU CG  CD   sing N N 113 
GLU CG  HG2  sing N N 114 
GLU CG  HG3  sing N N 115 
GLU CD  OE1  doub N N 116 
GLU CD  OE2  sing N N 117 
GLU OE2 HE2  sing N N 118 
GLU OXT HXT  sing N N 119 
GLX N   CA   sing N N 120 
GLX CA  C    sing N N 121 
GLX CA  CB   sing N N 122 
GLX CA  HA   sing N N 123 
GLX C   O    doub N N 124 
GLX C   OXT  sing N N 125 
GLX CB  CG   sing N N 126 
GLX CB  HB1  sing N N 127 
GLX CB  HB2  sing N N 128 
GLX CG  CD   sing N N 129 
GLX CG  HG1  sing N N 130 
GLX CG  HG2  sing N N 131 
GLX CD  XE1  doub N N 132 
GLX CD  XE2  sing N N 133 
GLX N   H    sing N N 134 
GLX N   H2   sing N N 135 
GLX HXT OXT  sing N N 136 
GLY N   CA   sing N N 137 
GLY N   H    sing N N 138 
GLY N   H2   sing N N 139 
GLY CA  C    sing N N 140 
GLY CA  HA2  sing N N 141 
GLY CA  HA3  sing N N 142 
GLY C   O    doub N N 143 
GLY C   OXT  sing N N 144 
GLY OXT HXT  sing N N 145 
HIS N   CA   sing N N 146 
HIS N   H    sing N N 147 
HIS N   H2   sing N N 148 
HIS CA  C    sing N N 149 
HIS CA  CB   sing N N 150 
HIS CA  HA   sing N N 151 
HIS C   O    doub N N 152 
HIS C   OXT  sing N N 153 
HIS CB  CG   sing N N 154 
HIS CB  HB2  sing N N 155 
HIS CB  HB3  sing N N 156 
HIS CG  ND1  sing Y N 157 
HIS CG  CD2  doub Y N 158 
HIS ND1 CE1  doub Y N 159 
HIS ND1 HD1  sing N N 160 
HIS CD2 NE2  sing Y N 161 
HIS CD2 HD2  sing N N 162 
HIS CE1 NE2  sing Y N 163 
HIS CE1 HE1  sing N N 164 
HIS NE2 HE2  sing N N 165 
HIS OXT HXT  sing N N 166 
HOH O   H1   sing N N 167 
HOH O   H2   sing N N 168 
ILE N   CA   sing N N 169 
ILE N   H    sing N N 170 
ILE N   H2   sing N N 171 
ILE CA  C    sing N N 172 
ILE CA  CB   sing N N 173 
ILE CA  HA   sing N N 174 
ILE C   O    doub N N 175 
ILE C   OXT  sing N N 176 
ILE CB  CG1  sing N N 177 
ILE CB  CG2  sing N N 178 
ILE CB  HB   sing N N 179 
ILE CG1 CD1  sing N N 180 
ILE CG1 HG12 sing N N 181 
ILE CG1 HG13 sing N N 182 
ILE CG2 HG21 sing N N 183 
ILE CG2 HG22 sing N N 184 
ILE CG2 HG23 sing N N 185 
ILE CD1 HD11 sing N N 186 
ILE CD1 HD12 sing N N 187 
ILE CD1 HD13 sing N N 188 
ILE OXT HXT  sing N N 189 
LEU N   CA   sing N N 190 
LEU N   H    sing N N 191 
LEU N   H2   sing N N 192 
LEU CA  C    sing N N 193 
LEU CA  CB   sing N N 194 
LEU CA  HA   sing N N 195 
LEU C   O    doub N N 196 
LEU C   OXT  sing N N 197 
LEU CB  CG   sing N N 198 
LEU CB  HB2  sing N N 199 
LEU CB  HB3  sing N N 200 
LEU CG  CD1  sing N N 201 
LEU CG  CD2  sing N N 202 
LEU CG  HG   sing N N 203 
LEU CD1 HD11 sing N N 204 
LEU CD1 HD12 sing N N 205 
LEU CD1 HD13 sing N N 206 
LEU CD2 HD21 sing N N 207 
LEU CD2 HD22 sing N N 208 
LEU CD2 HD23 sing N N 209 
LEU OXT HXT  sing N N 210 
LYS N   CA   sing N N 211 
LYS N   H    sing N N 212 
LYS N   H2   sing N N 213 
LYS CA  C    sing N N 214 
LYS CA  CB   sing N N 215 
LYS CA  HA   sing N N 216 
LYS C   O    doub N N 217 
LYS C   OXT  sing N N 218 
LYS CB  CG   sing N N 219 
LYS CB  HB2  sing N N 220 
LYS CB  HB3  sing N N 221 
LYS CG  CD   sing N N 222 
LYS CG  HG2  sing N N 223 
LYS CG  HG3  sing N N 224 
LYS CD  CE   sing N N 225 
LYS CD  HD2  sing N N 226 
LYS CD  HD3  sing N N 227 
LYS CE  NZ   sing N N 228 
LYS CE  HE2  sing N N 229 
LYS CE  HE3  sing N N 230 
LYS NZ  HZ1  sing N N 231 
LYS NZ  HZ2  sing N N 232 
LYS NZ  HZ3  sing N N 233 
LYS OXT HXT  sing N N 234 
PHE N   CA   sing N N 235 
PHE N   H    sing N N 236 
PHE N   H2   sing N N 237 
PHE CA  C    sing N N 238 
PHE CA  CB   sing N N 239 
PHE CA  HA   sing N N 240 
PHE C   O    doub N N 241 
PHE C   OXT  sing N N 242 
PHE CB  CG   sing N N 243 
PHE CB  HB2  sing N N 244 
PHE CB  HB3  sing N N 245 
PHE CG  CD1  doub Y N 246 
PHE CG  CD2  sing Y N 247 
PHE CD1 CE1  sing Y N 248 
PHE CD1 HD1  sing N N 249 
PHE CD2 CE2  doub Y N 250 
PHE CD2 HD2  sing N N 251 
PHE CE1 CZ   doub Y N 252 
PHE CE1 HE1  sing N N 253 
PHE CE2 CZ   sing Y N 254 
PHE CE2 HE2  sing N N 255 
PHE CZ  HZ   sing N N 256 
PHE OXT HXT  sing N N 257 
PRO N   CA   sing N N 258 
PRO N   CD   sing N N 259 
PRO N   H    sing N N 260 
PRO CA  C    sing N N 261 
PRO CA  CB   sing N N 262 
PRO CA  HA   sing N N 263 
PRO C   O    doub N N 264 
PRO C   OXT  sing N N 265 
PRO CB  CG   sing N N 266 
PRO CB  HB2  sing N N 267 
PRO CB  HB3  sing N N 268 
PRO CG  CD   sing N N 269 
PRO CG  HG2  sing N N 270 
PRO CG  HG3  sing N N 271 
PRO CD  HD2  sing N N 272 
PRO CD  HD3  sing N N 273 
PRO OXT HXT  sing N N 274 
SER N   CA   sing N N 275 
SER N   H    sing N N 276 
SER N   H2   sing N N 277 
SER CA  C    sing N N 278 
SER CA  CB   sing N N 279 
SER CA  HA   sing N N 280 
SER C   O    doub N N 281 
SER C   OXT  sing N N 282 
SER CB  OG   sing N N 283 
SER CB  HB2  sing N N 284 
SER CB  HB3  sing N N 285 
SER OG  HG   sing N N 286 
SER OXT HXT  sing N N 287 
THR N   CA   sing N N 288 
THR N   H    sing N N 289 
THR N   H2   sing N N 290 
THR CA  C    sing N N 291 
THR CA  CB   sing N N 292 
THR CA  HA   sing N N 293 
THR C   O    doub N N 294 
THR C   OXT  sing N N 295 
THR CB  OG1  sing N N 296 
THR CB  CG2  sing N N 297 
THR CB  HB   sing N N 298 
THR OG1 HG1  sing N N 299 
THR CG2 HG21 sing N N 300 
THR CG2 HG22 sing N N 301 
THR CG2 HG23 sing N N 302 
THR OXT HXT  sing N N 303 
TYR N   CA   sing N N 304 
TYR N   H    sing N N 305 
TYR N   H2   sing N N 306 
TYR CA  C    sing N N 307 
TYR CA  CB   sing N N 308 
TYR CA  HA   sing N N 309 
TYR C   O    doub N N 310 
TYR C   OXT  sing N N 311 
TYR CB  CG   sing N N 312 
TYR CB  HB2  sing N N 313 
TYR CB  HB3  sing N N 314 
TYR CG  CD1  doub Y N 315 
TYR CG  CD2  sing Y N 316 
TYR CD1 CE1  sing Y N 317 
TYR CD1 HD1  sing N N 318 
TYR CD2 CE2  doub Y N 319 
TYR CD2 HD2  sing N N 320 
TYR CE1 CZ   doub Y N 321 
TYR CE1 HE1  sing N N 322 
TYR CE2 CZ   sing Y N 323 
TYR CE2 HE2  sing N N 324 
TYR CZ  OH   sing N N 325 
TYR OH  HH   sing N N 326 
TYR OXT HXT  sing N N 327 
VAL N   CA   sing N N 328 
VAL N   H    sing N N 329 
VAL N   H2   sing N N 330 
VAL CA  C    sing N N 331 
VAL CA  CB   sing N N 332 
VAL CA  HA   sing N N 333 
VAL C   O    doub N N 334 
VAL C   OXT  sing N N 335 
VAL CB  CG1  sing N N 336 
VAL CB  CG2  sing N N 337 
VAL CB  HB   sing N N 338 
VAL CG1 HG11 sing N N 339 
VAL CG1 HG12 sing N N 340 
VAL CG1 HG13 sing N N 341 
VAL CG2 HG21 sing N N 342 
VAL CG2 HG22 sing N N 343 
VAL CG2 HG23 sing N N 344 
VAL OXT HXT  sing N N 345 
# 
_atom_sites.entry_id                    1H34 
_atom_sites.fract_transf_matrix[1][1]   0.00591951 
_atom_sites.fract_transf_matrix[1][2]   0.00251371 
_atom_sites.fract_transf_matrix[1][3]   -0.00652415 
_atom_sites.fract_transf_matrix[2][1]   0.00545023 
_atom_sites.fract_transf_matrix[2][2]   -0.00701344 
_atom_sites.fract_transf_matrix[2][3]   0.00224289 
_atom_sites.fract_transf_matrix[3][1]   -0.00437930 
_atom_sites.fract_transf_matrix[3][2]   -0.00533074 
_atom_sites.fract_transf_matrix[3][3]   -0.00602734 
_atom_sites.fract_transf_vector[1]      0.220139 
_atom_sites.fract_transf_vector[2]      0.654611 
_atom_sites.fract_transf_vector[3]      0.062316 
# 
loop_
_atom_type.symbol 
C 
N 
O 
S 
# 
loop_
_atom_site.group_PDB 
_atom_site.id 
_atom_site.type_symbol 
_atom_site.label_atom_id 
_atom_site.label_alt_id 
_atom_site.label_comp_id 
_atom_site.label_asym_id 
_atom_site.label_entity_id 
_atom_site.label_seq_id 
_atom_site.pdbx_PDB_ins_code 
_atom_site.Cartn_x 
_atom_site.Cartn_y 
_atom_site.Cartn_z 
_atom_site.occupancy 
_atom_site.B_iso_or_equiv 
_atom_site.pdbx_formal_charge 
_atom_site.auth_seq_id 
_atom_site.auth_comp_id 
_atom_site.auth_asym_id 
_atom_site.auth_atom_id 
_atom_site.pdbx_PDB_model_num 
ATOM   1   N N   . LYS A 1 16 ? -6.586  -7.861  4.017   1.00 64.28  ? 16   LYS A N   1 
ATOM   2   C CA  . LYS A 1 16 ? -7.801  -7.136  3.652   1.00 94.53  ? 16   LYS A CA  1 
ATOM   3   C C   . LYS A 1 16 ? -7.423  -5.839  2.936   1.00 89.42  ? 16   LYS A C   1 
ATOM   4   O O   . LYS A 1 16 ? -6.848  -4.949  3.570   1.00 72.88  ? 16   LYS A O   1 
ATOM   5   C CB  . LYS A 1 16 ? -8.667  -6.855  4.876   1.00 102.19 ? 16   LYS A CB  1 
ATOM   6   C CG  . LYS A 1 16 ? -10.118 -7.267  4.701   1.00 112.04 ? 16   LYS A CG  1 
ATOM   7   C CD  . LYS A 1 16 ? -10.693 -6.723  3.400   1.00 118.01 ? 16   LYS A CD  1 
ATOM   8   C CE  . LYS A 1 16 ? -11.204 -7.841  2.503   1.00 121.36 ? 16   LYS A CE  1 
ATOM   9   N NZ  . LYS A 1 16 ? -12.283 -7.379  1.579   1.00 118.05 ? 16   LYS A NZ  1 
ATOM   10  N N   . PRO A 1 17 ? -7.728  -5.776  1.645   1.00 71.52  ? 17   PRO A N   1 
ATOM   11  C CA  . PRO A 1 17 ? -7.174  -4.743  0.771   1.00 46.24  ? 17   PRO A CA  1 
ATOM   12  C C   . PRO A 1 17 ? -7.976  -3.452  0.822   1.00 46.57  ? 17   PRO A C   1 
ATOM   13  O O   . PRO A 1 17 ? -9.083  -3.320  0.317   1.00 63.78  ? 17   PRO A O   1 
ATOM   14  C CB  . PRO A 1 17 ? -7.250  -5.374  -0.622  1.00 48.91  ? 17   PRO A CB  1 
ATOM   15  C CG  . PRO A 1 17 ? -7.801  -6.746  -0.425  1.00 56.19  ? 17   PRO A CG  1 
ATOM   16  C CD  . PRO A 1 17 ? -8.607  -6.659  0.849   1.00 58.37  ? 17   PRO A CD  1 
ATOM   17  N N   . CYS A 1 18 ? -7.339  -2.469  1.455   1.00 43.40  ? 18   CYS A N   1 
ATOM   18  C CA  . CYS A 1 18 ? -7.882  -1.124  1.538   1.00 42.34  ? 18   CYS A CA  1 
ATOM   19  C C   . CYS A 1 18 ? -6.681  -0.181  1.608   1.00 41.79  ? 18   CYS A C   1 
ATOM   20  O O   . CYS A 1 18 ? -5.580  -0.677  1.847   1.00 44.10  ? 18   CYS A O   1 
ATOM   21  C CB  . CYS A 1 18 ? -8.836  -0.960  2.711   1.00 58.87  ? 18   CYS A CB  1 
ATOM   22  S SG  . CYS A 1 18 ? -8.132  -1.117  4.372   1.00 57.68  ? 18   CYS A SG  1 
ATOM   23  N N   . CYS A 1 19 ? -6.913  1.108   1.383   1.00 38.62  ? 19   CYS A N   1 
ATOM   24  C CA  . CYS A 1 19 ? -5.802  2.038   1.401   1.00 40.73  ? 19   CYS A CA  1 
ATOM   25  C C   . CYS A 1 19 ? -6.314  3.384   1.859   1.00 43.83  ? 19   CYS A C   1 
ATOM   26  O O   . CYS A 1 19 ? -7.317  3.848   1.322   1.00 55.77  ? 19   CYS A O   1 
ATOM   27  C CB  . CYS A 1 19 ? -5.187  2.171   -0.002  1.00 40.22  ? 19   CYS A CB  1 
ATOM   28  S SG  . CYS A 1 19 ? -3.834  3.362   -0.069  1.00 47.71  ? 19   CYS A SG  1 
ATOM   29  N N   . ASP A 1 20 ? -5.672  4.028   2.827   1.00 44.65  ? 20   ASP A N   1 
ATOM   30  C CA  . ASP A 1 20 ? -6.303  5.281   3.255   1.00 51.08  ? 20   ASP A CA  1 
ATOM   31  C C   . ASP A 1 20 ? -5.792  6.468   2.477   1.00 46.90  ? 20   ASP A C   1 
ATOM   32  O O   . ASP A 1 20 ? -6.392  7.506   2.243   1.00 58.80  ? 20   ASP A O   1 
ATOM   33  C CB  . ASP A 1 20 ? -6.027  5.523   4.750   1.00 58.05  ? 20   ASP A CB  1 
ATOM   34  C CG  . ASP A 1 20 ? -7.085  4.764   5.542   1.00 59.35  ? 20   ASP A CG  1 
ATOM   35  O OD1 . ASP A 1 20 ? -8.207  4.644   5.004   1.00 66.86  ? 20   ASP A OD1 1 
ATOM   36  O OD2 . ASP A 1 20 ? -6.722  4.317   6.638   1.00 69.08  ? 20   ASP A OD2 1 
ATOM   37  N N   . HIS A 1 21 ? -4.534  6.292   2.076   1.00 45.77  ? 21   HIS A N   1 
ATOM   38  C CA  . HIS A 1 21 ? -3.939  7.316   1.259   1.00 38.66  ? 21   HIS A CA  1 
ATOM   39  C C   . HIS A 1 21 ? -3.300  6.715   0.006   1.00 51.18  ? 21   HIS A C   1 
ATOM   40  O O   . HIS A 1 21 ? -2.277  6.034   0.089   1.00 43.22  ? 21   HIS A O   1 
ATOM   41  C CB  . HIS A 1 21 ? -2.903  8.063   2.098   1.00 41.58  ? 21   HIS A CB  1 
ATOM   42  C CG  . HIS A 1 21 ? -2.501  9.261   1.292   1.00 60.77  ? 21   HIS A CG  1 
ATOM   43  N ND1 . HIS A 1 21 ? -1.200  9.564   0.978   1.00 74.28  ? 21   HIS A ND1 1 
ATOM   44  C CD2 . HIS A 1 21 ? -3.294  10.201  0.723   1.00 63.28  ? 21   HIS A CD2 1 
ATOM   45  C CE1 . HIS A 1 21 ? -1.216  10.667  0.253   1.00 75.34  ? 21   HIS A CE1 1 
ATOM   46  N NE2 . HIS A 1 21 ? -2.457  11.081  0.081   1.00 69.24  ? 21   HIS A NE2 1 
ATOM   47  N N   . CYS A 1 22 ? -3.886  6.977   -1.151  1.00 55.33  ? 22   CYS A N   1 
ATOM   48  C CA  . CYS A 1 22 ? -3.319  6.564   -2.441  1.00 52.83  ? 22   CYS A CA  1 
ATOM   49  C C   . CYS A 1 22 ? -2.714  7.716   -3.229  1.00 51.08  ? 22   CYS A C   1 
ATOM   50  O O   . CYS A 1 22 ? -3.300  8.788   -3.345  1.00 49.49  ? 22   CYS A O   1 
ATOM   51  C CB  . CYS A 1 22 ? -4.436  5.881   -3.222  1.00 54.02  ? 22   CYS A CB  1 
ATOM   52  S SG  . CYS A 1 22 ? -3.924  5.103   -4.776  1.00 46.36  ? 22   CYS A SG  1 
ATOM   53  N N   . SER A 1 23 ? -1.519  7.577   -3.792  1.00 38.67  ? 23   SER A N   1 
ATOM   54  C CA  . SER A 1 23 ? -0.865  8.510   -4.671  1.00 36.60  ? 23   SER A CA  1 
ATOM   55  C C   . SER A 1 23 ? -0.832  7.937   -6.098  1.00 41.18  ? 23   SER A C   1 
ATOM   56  O O   . SER A 1 23 ? -0.370  6.803   -6.266  1.00 36.63  ? 23   SER A O   1 
ATOM   57  C CB  . SER A 1 23 ? 0.576   8.794   -4.258  1.00 40.10  ? 23   SER A CB  1 
ATOM   58  O OG  . SER A 1 23 ? 0.793   10.135  -3.857  1.00 67.64  ? 23   SER A OG  1 
ATOM   59  N N   . CYS A 1 24 ? -1.295  8.693   -7.075  1.00 44.61  ? 24   CYS A N   1 
ATOM   60  C CA  . CYS A 1 24 ? -1.345  8.283   -8.474  1.00 47.57  ? 24   CYS A CA  1 
ATOM   61  C C   . CYS A 1 24 ? -0.680  9.294   -9.397  1.00 39.77  ? 24   CYS A C   1 
ATOM   62  O O   . CYS A 1 24 ? -0.792  10.501  -9.198  1.00 41.87  ? 24   CYS A O   1 
ATOM   63  C CB  . CYS A 1 24 ? -2.782  8.126   -8.960  1.00 38.78  ? 24   CYS A CB  1 
ATOM   64  S SG  . CYS A 1 24 ? -3.729  6.788   -8.287  1.00 39.08  ? 24   CYS A SG  1 
ATOM   65  N N   . THR A 1 25 ? 0.038   8.849   -10.425 1.00 38.71  ? 25   THR A N   1 
ATOM   66  C CA  . THR A 1 25 ? 0.490   9.831   -11.420 1.00 38.77  ? 25   THR A CA  1 
ATOM   67  C C   . THR A 1 25 ? -0.709  10.304  -12.249 1.00 39.11  ? 25   THR A C   1 
ATOM   68  O O   . THR A 1 25 ? -1.773  9.683   -12.218 1.00 37.46  ? 25   THR A O   1 
ATOM   69  C CB  . THR A 1 25 ? 1.550   9.264   -12.380 1.00 38.95  ? 25   THR A CB  1 
ATOM   70  O OG1 . THR A 1 25 ? 1.012   8.089   -12.995 1.00 40.39  ? 25   THR A OG1 1 
ATOM   71  C CG2 . THR A 1 25 ? 2.805   8.814   -11.634 1.00 37.15  ? 25   THR A CG2 1 
ATOM   72  N N   . LYS A 1 26 ? -0.564  11.385  -13.004 1.00 40.76  ? 26   LYS A N   1 
ATOM   73  C CA  . LYS A 1 26 ? -1.669  11.945  -13.767 1.00 42.00  ? 26   LYS A CA  1 
ATOM   74  C C   . LYS A 1 26 ? -1.654  11.524  -15.229 1.00 48.27  ? 26   LYS A C   1 
ATOM   75  O O   . LYS A 1 26 ? -2.236  12.163  -16.106 1.00 76.41  ? 26   LYS A O   1 
ATOM   76  C CB  . LYS A 1 26 ? -1.607  13.472  -13.694 1.00 51.23  ? 26   LYS A CB  1 
ATOM   77  C CG  . LYS A 1 26 ? -1.626  14.027  -12.281 1.00 67.65  ? 26   LYS A CG  1 
ATOM   78  C CD  . LYS A 1 26 ? -1.109  15.461  -12.275 1.00 87.77  ? 26   LYS A CD  1 
ATOM   79  C CE  . LYS A 1 26 ? 0.387   15.524  -12.004 1.00 94.83  ? 26   LYS A CE  1 
ATOM   80  N NZ  . LYS A 1 26 ? 1.017   16.759  -12.548 1.00 97.03  ? 26   LYS A NZ  1 
ATOM   81  N N   . SER A 1 27 ? -0.992  10.420  -15.506 1.00 47.84  ? 27   SER A N   1 
ATOM   82  C CA  . SER A 1 27 ? -0.833  9.949   -16.869 1.00 43.33  ? 27   SER A CA  1 
ATOM   83  C C   . SER A 1 27 ? -1.753  8.772   -17.133 1.00 42.86  ? 27   SER A C   1 
ATOM   84  O O   . SER A 1 27 ? -2.489  8.366   -16.230 1.00 44.07  ? 27   SER A O   1 
ATOM   85  C CB  . SER A 1 27 ? 0.637   9.552   -17.050 1.00 47.32  ? 27   SER A CB  1 
ATOM   86  O OG  . SER A 1 27 ? 0.891   8.454   -16.178 1.00 63.95  ? 27   SER A OG  1 
ATOM   87  N N   . ILE A 1 28 ? -1.697  8.228   -18.332 1.00 41.96  ? 28   ILE A N   1 
ATOM   88  C CA  . ILE A 1 28 ? -2.457  7.070   -18.780 1.00 41.27  ? 28   ILE A CA  1 
ATOM   89  C C   . ILE A 1 28 ? -1.477  5.999   -19.222 1.00 42.84  ? 28   ILE A C   1 
ATOM   90  O O   . ILE A 1 28 ? -0.647  6.322   -20.081 1.00 45.44  ? 28   ILE A O   1 
ATOM   91  C CB  . ILE A 1 28 ? -3.372  7.394   -19.984 1.00 46.74  ? 28   ILE A CB  1 
ATOM   92  C CG1 . ILE A 1 28 ? -4.458  8.436   -19.727 1.00 45.84  ? 28   ILE A CG1 1 
ATOM   93  C CG2 . ILE A 1 28 ? -3.970  6.096   -20.505 1.00 33.51  ? 28   ILE A CG2 1 
ATOM   94  C CD1 . ILE A 1 28 ? -5.567  7.921   -18.833 1.00 51.64  ? 28   ILE A CD1 1 
ATOM   95  N N   . PRO A 1 29 ? -1.455  4.793   -18.697 1.00 37.06  ? 29   PRO A N   1 
ATOM   96  C CA  . PRO A 1 29 ? -2.314  4.345   -17.604 1.00 32.77  ? 29   PRO A CA  1 
ATOM   97  C C   . PRO A 1 29 ? -1.836  4.995   -16.301 1.00 50.03  ? 29   PRO A C   1 
ATOM   98  O O   . PRO A 1 29 ? -0.657  5.360   -16.163 1.00 39.59  ? 29   PRO A O   1 
ATOM   99  C CB  . PRO A 1 29 ? -2.035  2.846   -17.584 1.00 34.13  ? 29   PRO A CB  1 
ATOM   100 C CG  . PRO A 1 29 ? -0.583  2.790   -17.946 1.00 39.69  ? 29   PRO A CG  1 
ATOM   101 C CD  . PRO A 1 29 ? -0.495  3.759   -19.111 1.00 36.67  ? 29   PRO A CD  1 
ATOM   102 N N   . PRO A 1 30 ? -2.671  5.211   -15.296 1.00 44.60  ? 30   PRO A N   1 
ATOM   103 C CA  . PRO A 1 30 ? -2.168  5.893   -14.092 1.00 38.77  ? 30   PRO A CA  1 
ATOM   104 C C   . PRO A 1 30 ? -1.245  4.960   -13.320 1.00 33.52  ? 30   PRO A C   1 
ATOM   105 O O   . PRO A 1 30 ? -1.432  3.747   -13.433 1.00 30.77  ? 30   PRO A O   1 
ATOM   106 C CB  . PRO A 1 30 ? -3.440  6.176   -13.301 1.00 45.17  ? 30   PRO A CB  1 
ATOM   107 C CG  . PRO A 1 30 ? -4.380  5.099   -13.730 1.00 37.05  ? 30   PRO A CG  1 
ATOM   108 C CD  . PRO A 1 30 ? -4.086  4.853   -15.186 1.00 45.64  ? 30   PRO A CD  1 
ATOM   109 N N   . GLN A 1 31 ? -0.283  5.538   -12.596 1.00 32.70  ? 31   GLN A N   1 
ATOM   110 C CA  . GLN A 1 31 ? 0.544   4.694   -11.723 1.00 38.80  ? 31   GLN A CA  1 
ATOM   111 C C   . GLN A 1 31 ? 0.226   5.060   -10.273 1.00 31.09  ? 31   GLN A C   1 
ATOM   112 O O   . GLN A 1 31 ? 0.454   6.180   -9.837  1.00 32.25  ? 31   GLN A O   1 
ATOM   113 C CB  . GLN A 1 31 ? 2.034   4.845   -12.020 1.00 34.09  ? 31   GLN A CB  1 
ATOM   114 C CG  . GLN A 1 31 ? 2.473   4.031   -13.243 1.00 40.91  ? 31   GLN A CG  1 
ATOM   115 C CD  . GLN A 1 31 ? 3.981   4.109   -13.441 1.00 38.08  ? 31   GLN A CD  1 
ATOM   116 O OE1 . GLN A 1 31 ? 4.688   3.110   -13.435 1.00 53.31  ? 31   GLN A OE1 1 
ATOM   117 N NE2 . GLN A 1 31 ? 4.480   5.325   -13.615 1.00 37.00  ? 31   GLN A NE2 1 
ATOM   118 N N   . CYS A 1 32 ? -0.337  4.104   -9.557  1.00 31.24  ? 32   CYS A N   1 
ATOM   119 C CA  . CYS A 1 32 ? -0.827  4.366   -8.215  1.00 38.55  ? 32   CYS A CA  1 
ATOM   120 C C   . CYS A 1 32 ? -0.122  3.493   -7.171  1.00 34.52  ? 32   CYS A C   1 
ATOM   121 O O   . CYS A 1 32 ? 0.112   2.314   -7.455  1.00 30.59  ? 32   CYS A O   1 
ATOM   122 C CB  . CYS A 1 32 ? -2.325  4.066   -8.159  1.00 41.11  ? 32   CYS A CB  1 
ATOM   123 S SG  . CYS A 1 32 ? -3.324  5.076   -9.284  1.00 38.65  ? 32   CYS A SG  1 
ATOM   124 N N   . ARG A 1 33 ? 0.184   4.076   -6.021  1.00 34.19  ? 33   ARG A N   1 
ATOM   125 C CA  . ARG A 1 33 ? 0.607   3.296   -4.859  1.00 41.94  ? 33   ARG A CA  1 
ATOM   126 C C   . ARG A 1 33 ? -0.080  3.742   -3.566  1.00 38.04  ? 33   ARG A C   1 
ATOM   127 O O   . ARG A 1 33 ? -0.571  4.857   -3.417  1.00 40.96  ? 33   ARG A O   1 
ATOM   128 C CB  . ARG A 1 33 ? 2.111   3.377   -4.613  1.00 42.23  ? 33   ARG A CB  1 
ATOM   129 C CG  . ARG A 1 33 ? 2.672   4.757   -4.440  1.00 43.76  ? 33   ARG A CG  1 
ATOM   130 C CD  . ARG A 1 33 ? 4.206   4.766   -4.234  1.00 40.71  ? 33   ARG A CD  1 
ATOM   131 N NE  . ARG A 1 33 ? 4.503   6.200   -4.008  1.00 51.72  ? 33   ARG A NE  1 
ATOM   132 C CZ  . ARG A 1 33 ? 4.843   6.700   -2.827  1.00 57.00  ? 33   ARG A CZ  1 
ATOM   133 N NH1 . ARG A 1 33 ? 4.944   5.881   -1.779  1.00 44.58  ? 33   ARG A NH1 1 
ATOM   134 N NH2 . ARG A 1 33 ? 5.086   8.001   -2.694  1.00 45.43  ? 33   ARG A NH2 1 
ATOM   135 N N   . CYS A 1 34 ? -0.082  2.826   -2.610  1.00 33.78  ? 34   CYS A N   1 
ATOM   136 C CA  . CYS A 1 34 ? -0.599  3.132   -1.270  1.00 35.62  ? 34   CYS A CA  1 
ATOM   137 C C   . CYS A 1 34 ? 0.568   3.626   -0.444  1.00 37.51  ? 34   CYS A C   1 
ATOM   138 O O   . CYS A 1 34 ? 1.581   2.926   -0.351  1.00 38.91  ? 34   CYS A O   1 
ATOM   139 C CB  . CYS A 1 34 ? -1.237  1.904   -0.623  1.00 39.83  ? 34   CYS A CB  1 
ATOM   140 S SG  . CYS A 1 34 ? -2.277  2.258   0.821   1.00 42.49  ? 34   CYS A SG  1 
ATOM   141 N N   . THR A 1 35 ? 0.477   4.807   0.168   1.00 33.54  ? 35   THR A N   1 
ATOM   142 C CA  . THR A 1 35 ? 1.590   5.186   1.028   1.00 37.70  ? 35   THR A CA  1 
ATOM   143 C C   . THR A 1 35 ? 1.348   4.785   2.481   1.00 35.78  ? 35   THR A C   1 
ATOM   144 O O   . THR A 1 35 ? 2.162   5.134   3.354   1.00 43.84  ? 35   THR A O   1 
ATOM   145 C CB  . THR A 1 35 ? 1.824   6.710   0.990   1.00 47.92  ? 35   THR A CB  1 
ATOM   146 O OG1 . THR A 1 35 ? 0.654   7.315   1.535   1.00 53.15  ? 35   THR A OG1 1 
ATOM   147 C CG2 . THR A 1 35 ? 1.956   7.220   -0.436  1.00 47.78  ? 35   THR A CG2 1 
ATOM   148 N N   . ASP A 1 36 ? 0.258   4.102   2.779   1.00 32.51  ? 36   ASP A N   1 
ATOM   149 C CA  . ASP A 1 36 ? -0.061  3.798   4.180   1.00 35.18  ? 36   ASP A CA  1 
ATOM   150 C C   . ASP A 1 36 ? 1.079   3.058   4.876   1.00 42.66  ? 36   ASP A C   1 
ATOM   151 O O   . ASP A 1 36 ? 1.713   2.194   4.273   1.00 39.18  ? 36   ASP A O   1 
ATOM   152 C CB  . ASP A 1 36 ? -1.298  2.907   4.300   1.00 32.66  ? 36   ASP A CB  1 
ATOM   153 C CG  . ASP A 1 36 ? -2.571  3.537   3.785   1.00 34.23  ? 36   ASP A CG  1 
ATOM   154 O OD1 . ASP A 1 36 ? -2.560  4.732   3.428   1.00 38.29  ? 36   ASP A OD1 1 
ATOM   155 O OD2 . ASP A 1 36 ? -3.575  2.809   3.719   1.00 38.60  ? 36   ASP A OD2 1 
ATOM   156 N N   . LEU A 1 37 ? 1.322   3.372   6.129   1.00 37.50  ? 37   LEU A N   1 
ATOM   157 C CA  . LEU A 1 37 ? 2.193   2.591   7.012   1.00 36.15  ? 37   LEU A CA  1 
ATOM   158 C C   . LEU A 1 37 ? 1.256   1.797   7.908   1.00 36.47  ? 37   LEU A C   1 
ATOM   159 O O   . LEU A 1 37 ? 0.464   2.487   8.579   1.00 39.95  ? 37   LEU A O   1 
ATOM   160 C CB  . LEU A 1 37 ? 3.022   3.538   7.836   1.00 37.75  ? 37   LEU A CB  1 
ATOM   161 C CG  . LEU A 1 37 ? 4.512   3.665   7.774   1.00 50.80  ? 37   LEU A CG  1 
ATOM   162 C CD1 . LEU A 1 37 ? 5.018   4.448   8.983   1.00 39.19  ? 37   LEU A CD1 1 
ATOM   163 C CD2 . LEU A 1 37 ? 5.165   2.296   7.734   1.00 60.93  ? 37   LEU A CD2 1 
ATOM   164 N N   . ARG A 1 38 ? 1.282   0.478   7.953   1.00 40.65  ? 38   ARG A N   1 
ATOM   165 C CA  . ARG A 1 38 ? 0.312   -0.288  8.721   1.00 45.67  ? 38   ARG A CA  1 
ATOM   166 C C   . ARG A 1 38 ? 0.960   -1.158  9.799   1.00 46.48  ? 38   ARG A C   1 
ATOM   167 O O   . ARG A 1 38 ? 2.113   -1.549  9.692   1.00 37.24  ? 38   ARG A O   1 
ATOM   168 C CB  . ARG A 1 38 ? -0.514  -1.223  7.836   1.00 54.16  ? 38   ARG A CB  1 
ATOM   169 C CG  . ARG A 1 38 ? -1.397  -0.559  6.796   1.00 65.04  ? 38   ARG A CG  1 
ATOM   170 C CD  . ARG A 1 38 ? -1.734  -1.571  5.694   1.00 70.23  ? 38   ARG A CD  1 
ATOM   171 N NE  . ARG A 1 38 ? -2.591  -2.621  6.251   1.00 72.77  ? 38   ARG A NE  1 
ATOM   172 C CZ  . ARG A 1 38 ? -3.890  -2.719  6.004   1.00 67.03  ? 38   ARG A CZ  1 
ATOM   173 N NH1 . ARG A 1 38 ? -4.512  -1.858  5.212   1.00 55.48  ? 38   ARG A NH1 1 
ATOM   174 N NH2 . ARG A 1 38 ? -4.587  -3.697  6.553   1.00 54.33  ? 38   ARG A NH2 1 
ATOM   175 N N   . LEU A 1 39 ? 0.211   -1.488  10.854  1.00 43.44  ? 39   LEU A N   1 
ATOM   176 C CA  . LEU A 1 39 ? 0.852   -2.293  11.901  1.00 53.44  ? 39   LEU A CA  1 
ATOM   177 C C   . LEU A 1 39 ? 0.836   -3.763  11.491  1.00 45.78  ? 39   LEU A C   1 
ATOM   178 O O   . LEU A 1 39 ? -0.156  -4.226  10.939  1.00 52.74  ? 39   LEU A O   1 
ATOM   179 C CB  . LEU A 1 39 ? 0.159   -2.077  13.252  1.00 49.49  ? 39   LEU A CB  1 
ATOM   180 C CG  . LEU A 1 39 ? 0.399   -0.714  13.921  1.00 57.45  ? 39   LEU A CG  1 
ATOM   181 C CD1 . LEU A 1 39 ? -0.389  -0.575  15.218  1.00 59.89  ? 39   LEU A CD1 1 
ATOM   182 C CD2 . LEU A 1 39 ? 1.882   -0.475  14.182  1.00 37.92  ? 39   LEU A CD2 1 
ATOM   183 N N   . ASP A 1 40 ? 1.922   -4.460  11.746  1.00 40.52  ? 40   ASP A N   1 
ATOM   184 C CA  . ASP A 1 40 ? 2.112   -5.888  11.657  1.00 42.20  ? 40   ASP A CA  1 
ATOM   185 C C   . ASP A 1 40 ? 2.211   -6.459  10.256  1.00 42.47  ? 40   ASP A C   1 
ATOM   186 O O   . ASP A 1 40 ? 2.997   -7.378  10.013  1.00 46.65  ? 40   ASP A O   1 
ATOM   187 C CB  . ASP A 1 40 ? 0.926   -6.582  12.364  1.00 45.92  ? 40   ASP A CB  1 
ATOM   188 C CG  . ASP A 1 40 ? 0.964   -6.239  13.854  1.00 59.18  ? 40   ASP A CG  1 
ATOM   189 O OD1 . ASP A 1 40 ? -0.104  -5.845  14.353  1.00 56.98  ? 40   ASP A OD1 1 
ATOM   190 O OD2 . ASP A 1 40 ? 2.045   -6.344  14.479  1.00 46.50  ? 40   ASP A OD2 1 
ATOM   191 N N   . SER A 1 41 ? 1.395   -5.943  9.342   1.00 42.26  ? 41   SER A N   1 
ATOM   192 C CA  . SER A 1 41 ? 1.416   -6.523  7.994   1.00 48.97  ? 41   SER A CA  1 
ATOM   193 C C   . SER A 1 41 ? 0.686   -5.633  6.995   1.00 45.97  ? 41   SER A C   1 
ATOM   194 O O   . SER A 1 41 ? -0.106  -4.790  7.417   1.00 40.50  ? 41   SER A O   1 
ATOM   195 C CB  . SER A 1 41 ? 0.759   -7.910  8.013   1.00 52.69  ? 41   SER A CB  1 
ATOM   196 O OG  . SER A 1 41 ? -0.657  -7.737  8.015   1.00 52.07  ? 41   SER A OG  1 
ATOM   197 N N   . CYS A 1 42 ? 0.957   -5.837  5.713   1.00 47.47  ? 42   CYS A N   1 
ATOM   198 C CA  . CYS A 1 42 ? 0.281   -5.132  4.626   1.00 50.14  ? 42   CYS A CA  1 
ATOM   199 C C   . CYS A 1 42 ? -1.086  -5.737  4.345   1.00 49.79  ? 42   CYS A C   1 
ATOM   200 O O   . CYS A 1 42 ? -1.387  -6.826  4.836   1.00 54.60  ? 42   CYS A O   1 
ATOM   201 C CB  . CYS A 1 42 ? 1.163   -5.206  3.372   1.00 44.23  ? 42   CYS A CB  1 
ATOM   202 S SG  . CYS A 1 42 ? 2.719   -4.292  3.517   1.00 39.70  ? 42   CYS A SG  1 
ATOM   203 N N   . HIS A 1 43 ? -1.950  -5.103  3.562   1.00 49.06  ? 43   HIS A N   1 
ATOM   204 C CA  . HIS A 1 43 ? -3.224  -5.754  3.229   1.00 45.52  ? 43   HIS A CA  1 
ATOM   205 C C   . HIS A 1 43 ? -2.973  -7.085  2.536   1.00 44.83  ? 43   HIS A C   1 
ATOM   206 O O   . HIS A 1 43 ? -1.872  -7.402  2.084   1.00 44.96  ? 43   HIS A O   1 
ATOM   207 C CB  . HIS A 1 43 ? -4.090  -4.816  2.386   1.00 48.40  ? 43   HIS A CB  1 
ATOM   208 C CG  . HIS A 1 43 ? -3.566  -4.444  1.035   1.00 45.01  ? 43   HIS A CG  1 
ATOM   209 N ND1 . HIS A 1 43 ? -3.302  -3.133  0.713   1.00 48.86  ? 43   HIS A ND1 1 
ATOM   210 C CD2 . HIS A 1 43 ? -3.260  -5.137  -0.085  1.00 48.10  ? 43   HIS A CD2 1 
ATOM   211 C CE1 . HIS A 1 43 ? -2.852  -3.029  -0.515  1.00 49.32  ? 43   HIS A CE1 1 
ATOM   212 N NE2 . HIS A 1 43 ? -2.816  -4.247  -1.028  1.00 51.52  ? 43   HIS A NE2 1 
ATOM   213 N N   . SER A 1 44 ? -4.007  -7.905  2.398   1.00 49.17  ? 44   SER A N   1 
ATOM   214 C CA  . SER A 1 44 ? -3.874  -9.223  1.804   1.00 50.50  ? 44   SER A CA  1 
ATOM   215 C C   . SER A 1 44 ? -3.489  -9.235  0.342   1.00 49.63  ? 44   SER A C   1 
ATOM   216 O O   . SER A 1 44 ? -3.018  -10.235 -0.193  1.00 51.65  ? 44   SER A O   1 
ATOM   217 C CB  . SER A 1 44 ? -5.229  -9.958  1.907   1.00 64.74  ? 44   SER A CB  1 
ATOM   218 O OG  . SER A 1 44 ? -6.247  -9.189  1.284   1.00 72.74  ? 44   SER A OG  1 
ATOM   219 N N   . ALA A 1 45 ? -3.706  -8.139  -0.389  1.00 44.67  ? 45   ALA A N   1 
ATOM   220 C CA  . ALA A 1 45 ? -3.378  -8.285  -1.810  1.00 45.21  ? 45   ALA A CA  1 
ATOM   221 C C   . ALA A 1 45 ? -1.980  -7.769  -2.078  1.00 53.16  ? 45   ALA A C   1 
ATOM   222 O O   . ALA A 1 45 ? -1.541  -7.645  -3.226  1.00 51.35  ? 45   ALA A O   1 
ATOM   223 C CB  . ALA A 1 45 ? -4.430  -7.541  -2.621  1.00 45.49  ? 45   ALA A CB  1 
ATOM   224 N N   . CYS A 1 46 ? -1.239  -7.421  -1.023  1.00 41.25  ? 46   CYS A N   1 
ATOM   225 C CA  . CYS A 1 46 ? 0.053   -6.789  -1.285  1.00 39.28  ? 46   CYS A CA  1 
ATOM   226 C C   . CYS A 1 46 ? 1.120   -7.793  -1.679  1.00 38.12  ? 46   CYS A C   1 
ATOM   227 O O   . CYS A 1 46 ? 1.313   -8.815  -1.032  1.00 45.40  ? 46   CYS A O   1 
ATOM   228 C CB  . CYS A 1 46 ? 0.577   -6.013  -0.062  1.00 39.36  ? 46   CYS A CB  1 
ATOM   229 S SG  . CYS A 1 46 ? 2.135   -5.164  -0.391  1.00 43.67  ? 46   CYS A SG  1 
ATOM   230 N N   . LYS A 1 47 ? 1.851   -7.481  -2.750  1.00 35.89  ? 47   LYS A N   1 
ATOM   231 C CA  . LYS A 1 47 ? 2.854   -8.436  -3.194  1.00 37.31  ? 47   LYS A CA  1 
ATOM   232 C C   . LYS A 1 47 ? 4.231   -8.093  -2.655  1.00 41.37  ? 47   LYS A C   1 
ATOM   233 O O   . LYS A 1 47 ? 5.002   -8.994  -2.397  1.00 40.23  ? 47   LYS A O   1 
ATOM   234 C CB  . LYS A 1 47 ? 2.950   -8.457  -4.730  1.00 46.44  ? 47   LYS A CB  1 
ATOM   235 C CG  . LYS A 1 47 ? 1.728   -9.087  -5.396  1.00 68.52  ? 47   LYS A CG  1 
ATOM   236 C CD  . LYS A 1 47 ? 1.225   -8.223  -6.541  1.00 78.98  ? 47   LYS A CD  1 
ATOM   237 C CE  . LYS A 1 47 ? 0.965   -9.039  -7.798  1.00 87.54  ? 47   LYS A CE  1 
ATOM   238 N NZ  . LYS A 1 47 ? 0.653   -8.159  -8.961  1.00 100.41 ? 47   LYS A NZ  1 
ATOM   239 N N   . SER A 1 48 ? 4.537   -6.800  -2.536  1.00 36.64  ? 48   SER A N   1 
ATOM   240 C CA  . SER A 1 48 ? 5.826   -6.399  -1.993  1.00 32.94  ? 48   SER A CA  1 
ATOM   241 C C   . SER A 1 48 ? 5.534   -5.605  -0.711  1.00 48.45  ? 48   SER A C   1 
ATOM   242 O O   . SER A 1 48 ? 5.193   -4.428  -0.746  1.00 34.23  ? 48   SER A O   1 
ATOM   243 C CB  . SER A 1 48 ? 6.628   -5.593  -2.983  1.00 32.04  ? 48   SER A CB  1 
ATOM   244 O OG  . SER A 1 48 ? 7.857   -5.122  -2.446  1.00 37.84  ? 48   SER A OG  1 
ATOM   245 N N   . CYS A 1 49 ? 5.646   -6.263  0.429   1.00 39.64  ? 49   CYS A N   1 
ATOM   246 C CA  . CYS A 1 49 ? 5.425   -5.648  1.735   1.00 40.91  ? 49   CYS A CA  1 
ATOM   247 C C   . CYS A 1 49 ? 6.729   -5.475  2.489   1.00 44.65  ? 49   CYS A C   1 
ATOM   248 O O   . CYS A 1 49 ? 7.392   -6.483  2.757   1.00 47.24  ? 49   CYS A O   1 
ATOM   249 C CB  . CYS A 1 49 ? 4.512   -6.542  2.576   1.00 43.16  ? 49   CYS A CB  1 
ATOM   250 S SG  . CYS A 1 49 ? 4.061   -5.736  4.132   1.00 46.87  ? 49   CYS A SG  1 
ATOM   251 N N   . ILE A 1 50 ? 7.165   -4.263  2.819   1.00 38.55  ? 50   ILE A N   1 
ATOM   252 C CA  . ILE A 1 50 ? 8.424   -4.165  3.567   1.00 33.26  ? 50   ILE A CA  1 
ATOM   253 C C   . ILE A 1 50 ? 8.107   -3.619  4.954   1.00 44.40  ? 50   ILE A C   1 
ATOM   254 O O   . ILE A 1 50 ? 7.165   -2.829  5.091   1.00 34.51  ? 50   ILE A O   1 
ATOM   255 C CB  . ILE A 1 50 ? 9.437   -3.278  2.842   1.00 36.78  ? 50   ILE A CB  1 
ATOM   256 C CG1 . ILE A 1 50 ? 8.895   -1.891  2.503   1.00 32.22  ? 50   ILE A CG1 1 
ATOM   257 C CG2 . ILE A 1 50 ? 9.913   -4.001  1.592   1.00 49.77  ? 50   ILE A CG2 1 
ATOM   258 C CD1 . ILE A 1 50 ? 9.856   -0.969  1.798   1.00 31.52  ? 50   ILE A CD1 1 
ATOM   259 N N   . CYS A 1 51 ? 8.867   -4.045  5.959   1.00 36.31  ? 51   CYS A N   1 
ATOM   260 C CA  . CYS A 1 51 ? 8.435   -3.796  7.339   1.00 33.31  ? 51   CYS A CA  1 
ATOM   261 C C   . CYS A 1 51 ? 9.621   -3.455  8.222   1.00 35.29  ? 51   CYS A C   1 
ATOM   262 O O   . CYS A 1 51 ? 10.734  -3.878  7.902   1.00 37.72  ? 51   CYS A O   1 
ATOM   263 C CB  . CYS A 1 51 ? 7.750   -5.016  7.939   1.00 33.21  ? 51   CYS A CB  1 
ATOM   264 S SG  . CYS A 1 51 ? 6.203   -5.587  7.302   1.00 43.83  ? 51   CYS A SG  1 
ATOM   265 N N   . THR A 1 52 ? 9.391   -2.719  9.305   1.00 39.79  ? 52   THR A N   1 
ATOM   266 C CA  . THR A 1 52 ? 10.489  -2.458  10.248  1.00 38.28  ? 52   THR A CA  1 
ATOM   267 C C   . THR A 1 52 ? 10.795  -3.754  10.997  1.00 32.51  ? 52   THR A C   1 
ATOM   268 O O   . THR A 1 52 ? 9.901   -4.589  11.147  1.00 35.79  ? 52   THR A O   1 
ATOM   269 C CB  . THR A 1 52 ? 10.132  -1.393  11.291  1.00 35.45  ? 52   THR A CB  1 
ATOM   270 O OG1 . THR A 1 52 ? 8.839   -1.720  11.843  1.00 35.08  ? 52   THR A OG1 1 
ATOM   271 C CG2 . THR A 1 52 ? 9.982   -0.021  10.645  1.00 40.26  ? 52   THR A CG2 1 
ATOM   272 N N   . LEU A 1 53 ? 12.012  -3.914  11.466  1.00 40.52  ? 53   LEU A N   1 
ATOM   273 C CA  . LEU A 1 53 ? 12.383  -5.076  12.269  1.00 49.35  ? 53   LEU A CA  1 
ATOM   274 C C   . LEU A 1 53 ? 12.068  -4.795  13.734  1.00 49.88  ? 53   LEU A C   1 
ATOM   275 O O   . LEU A 1 53 ? 12.958  -4.672  14.572  1.00 64.53  ? 53   LEU A O   1 
ATOM   276 C CB  . LEU A 1 53 ? 13.872  -5.371  12.158  1.00 47.56  ? 53   LEU A CB  1 
ATOM   277 C CG  . LEU A 1 53 ? 14.455  -5.963  10.883  1.00 60.04  ? 53   LEU A CG  1 
ATOM   278 C CD1 . LEU A 1 53 ? 13.491  -6.958  10.250  1.00 66.24  ? 53   LEU A CD1 1 
ATOM   279 C CD2 . LEU A 1 53 ? 14.827  -4.848  9.921   1.00 67.21  ? 53   LEU A CD2 1 
ATOM   280 N N   . SER A 1 54 ? 10.803  -4.650  14.093  1.00 46.40  ? 54   SER A N   1 
ATOM   281 C CA  . SER A 1 54 ? 10.517  -4.372  15.502  1.00 43.21  ? 54   SER A CA  1 
ATOM   282 C C   . SER A 1 54 ? 9.135   -4.939  15.733  1.00 46.78  ? 54   SER A C   1 
ATOM   283 O O   . SER A 1 54 ? 8.551   -5.382  14.732  1.00 46.78  ? 54   SER A O   1 
ATOM   284 C CB  . SER A 1 54 ? 10.552  -2.865  15.776  1.00 41.56  ? 54   SER A CB  1 
ATOM   285 O OG  . SER A 1 54 ? 9.441   -2.343  15.032  1.00 58.18  ? 54   SER A OG  1 
ATOM   286 N N   . ILE A 1 55 ? 8.644   -4.919  16.954  1.00 41.72  ? 55   ILE A N   1 
ATOM   287 C CA  . ILE A 1 55 ? 7.278   -5.355  17.223  1.00 42.94  ? 55   ILE A CA  1 
ATOM   288 C C   . ILE A 1 55 ? 6.559   -4.222  17.943  1.00 41.95  ? 55   ILE A C   1 
ATOM   289 O O   . ILE A 1 55 ? 7.163   -3.723  18.910  1.00 45.04  ? 55   ILE A O   1 
ATOM   290 C CB  . ILE A 1 55 ? 7.249   -6.629  18.085  1.00 55.10  ? 55   ILE A CB  1 
ATOM   291 C CG1 . ILE A 1 55 ? 8.065   -7.770  17.470  1.00 58.76  ? 55   ILE A CG1 1 
ATOM   292 C CG2 . ILE A 1 55 ? 5.818   -7.055  18.380  1.00 47.71  ? 55   ILE A CG2 1 
ATOM   293 C CD1 . ILE A 1 55 ? 7.777   -7.933  15.988  1.00 96.34  ? 55   ILE A CD1 1 
ATOM   294 N N   . PRO A 1 56 ? 5.383   -3.769  17.562  1.00 38.60  ? 56   PRO A N   1 
ATOM   295 C CA  . PRO A 1 56 ? 4.640   -4.271  16.410  1.00 41.41  ? 56   PRO A CA  1 
ATOM   296 C C   . PRO A 1 56 ? 5.329   -3.710  15.157  1.00 47.56  ? 56   PRO A C   1 
ATOM   297 O O   . PRO A 1 56 ? 5.939   -2.637  15.217  1.00 44.88  ? 56   PRO A O   1 
ATOM   298 C CB  . PRO A 1 56 ? 3.237   -3.717  16.570  1.00 43.17  ? 56   PRO A CB  1 
ATOM   299 C CG  . PRO A 1 56 ? 3.280   -2.725  17.669  1.00 44.18  ? 56   PRO A CG  1 
ATOM   300 C CD  . PRO A 1 56 ? 4.677   -2.636  18.194  1.00 40.87  ? 56   PRO A CD  1 
ATOM   301 N N   . ALA A 1 57 ? 5.300   -4.491  14.085  1.00 41.57  ? 57   ALA A N   1 
ATOM   302 C CA  . ALA A 1 57 ? 6.038   -4.116  12.885  1.00 41.04  ? 57   ALA A CA  1 
ATOM   303 C C   . ALA A 1 57 ? 5.338   -2.944  12.210  1.00 29.22  ? 57   ALA A C   1 
ATOM   304 O O   . ALA A 1 57 ? 4.106   -2.882  12.204  1.00 38.21  ? 57   ALA A O   1 
ATOM   305 C CB  . ALA A 1 57 ? 6.153   -5.295  11.910  1.00 38.13  ? 57   ALA A CB  1 
ATOM   306 N N   . GLN A 1 58 ? 6.108   -2.037  11.613  1.00 33.32  ? 58   GLN A N   1 
ATOM   307 C CA  . GLN A 1 58 ? 5.371   -1.046  10.800  1.00 40.78  ? 58   GLN A CA  1 
ATOM   308 C C   . GLN A 1 58 ? 5.681   -1.322  9.328   1.00 40.30  ? 58   GLN A C   1 
ATOM   309 O O   . GLN A 1 58 ? 6.861   -1.302  8.953   1.00 28.51  ? 58   GLN A O   1 
ATOM   310 C CB  . GLN A 1 58 ? 5.757   0.369   11.190  1.00 39.02  ? 58   GLN A CB  1 
ATOM   311 C CG  . GLN A 1 58 ? 5.399   0.757   12.634  1.00 45.36  ? 58   GLN A CG  1 
ATOM   312 C CD  . GLN A 1 58 ? 6.034   2.093   13.004  1.00 43.77  ? 58   GLN A CD  1 
ATOM   313 O OE1 . GLN A 1 58 ? 5.570   3.150   12.575  1.00 44.60  ? 58   GLN A OE1 1 
ATOM   314 N NE2 . GLN A 1 58 ? 7.094   2.058   13.791  1.00 45.29  ? 58   GLN A NE2 1 
ATOM   315 N N   . CYS A 1 59 ? 4.664   -1.570  8.525   1.00 39.26  ? 59   CYS A N   1 
ATOM   316 C CA  . CYS A 1 59 ? 4.808   -2.097  7.181   1.00 36.93  ? 59   CYS A CA  1 
ATOM   317 C C   . CYS A 1 59 ? 4.233   -1.213  6.079   1.00 43.09  ? 59   CYS A C   1 
ATOM   318 O O   . CYS A 1 59 ? 3.159   -0.619  6.259   1.00 37.18  ? 59   CYS A O   1 
ATOM   319 C CB  . CYS A 1 59 ? 4.064   -3.444  7.133   1.00 34.18  ? 59   CYS A CB  1 
ATOM   320 S SG  . CYS A 1 59 ? 4.689   -4.659  8.318   1.00 42.45  ? 59   CYS A SG  1 
ATOM   321 N N   . VAL A 1 60 ? 4.937   -1.176  4.956   1.00 34.63  ? 60   VAL A N   1 
ATOM   322 C CA  . VAL A 1 60 ? 4.561   -0.431  3.759   1.00 35.42  ? 60   VAL A CA  1 
ATOM   323 C C   . VAL A 1 60 ? 4.395   -1.336  2.541   1.00 43.02  ? 60   VAL A C   1 
ATOM   324 O O   . VAL A 1 60 ? 5.288   -2.158  2.293   1.00 33.55  ? 60   VAL A O   1 
ATOM   325 C CB  . VAL A 1 60 ? 5.636   0.634   3.430   1.00 34.29  ? 60   VAL A CB  1 
ATOM   326 C CG1 . VAL A 1 60 ? 5.219   1.448   2.214   1.00 43.02  ? 60   VAL A CG1 1 
ATOM   327 C CG2 . VAL A 1 60 ? 5.869   1.581   4.597   1.00 43.95  ? 60   VAL A CG2 1 
ATOM   328 N N   . CYS A 1 61 ? 3.314   -1.215  1.772   1.00 38.02  ? 61   CYS A N   1 
ATOM   329 C CA  . CYS A 1 61 ? 3.202   -1.949  0.501   1.00 38.46  ? 61   CYS A CA  1 
ATOM   330 C C   . CYS A 1 61 ? 3.838   -1.142  -0.606  1.00 40.45  ? 61   CYS A C   1 
ATOM   331 O O   . CYS A 1 61 ? 3.445   0.021   -0.840  1.00 32.73  ? 61   CYS A O   1 
ATOM   332 C CB  . CYS A 1 61 ? 1.749   -2.224  0.122   1.00 39.08  ? 61   CYS A CB  1 
ATOM   333 S SG  . CYS A 1 61 ? 1.504   -3.374  -1.267  1.00 39.79  ? 61   CYS A SG  1 
ATOM   334 N N   . ASP A 1 62 ? 4.829   -1.640  -1.381  1.00 34.52  ? 62   ASP A N   1 
ATOM   335 C CA  . ASP A 1 62 ? 5.099   -0.638  -2.421  1.00 42.68  ? 62   ASP A CA  1 
ATOM   336 C C   . ASP A 1 62 ? 4.692   -1.109  -3.810  1.00 30.24  ? 62   ASP A C   1 
ATOM   337 O O   . ASP A 1 62 ? 5.315   -0.637  -4.768  1.00 37.17  ? 62   ASP A O   1 
ATOM   338 C CB  . ASP A 1 62 ? 6.556   -0.216  -2.502  1.00 51.61  ? 62   ASP A CB  1 
ATOM   339 C CG  . ASP A 1 62 ? 7.401   -1.414  -2.135  1.00 52.47  ? 62   ASP A CG  1 
ATOM   340 O OD1 . ASP A 1 62 ? 8.097   -1.191  -1.126  1.00 52.14  ? 62   ASP A OD1 1 
ATOM   341 O OD2 . ASP A 1 62 ? 7.216   -2.399  -2.873  1.00 39.34  ? 62   ASP A OD2 1 
ATOM   342 N N   . ASP A 1 63 ? 3.694   -1.956  -3.869  1.00 29.49  ? 63   ASP A N   1 
ATOM   343 C CA  . ASP A 1 63 ? 3.158   -2.310  -5.180  1.00 39.06  ? 63   ASP A CA  1 
ATOM   344 C C   . ASP A 1 63 ? 2.720   -1.075  -5.956  1.00 37.64  ? 63   ASP A C   1 
ATOM   345 O O   . ASP A 1 63 ? 2.119   -0.135  -5.426  1.00 34.84  ? 63   ASP A O   1 
ATOM   346 C CB  . ASP A 1 63 ? 1.941   -3.217  -5.040  1.00 27.59  ? 63   ASP A CB  1 
ATOM   347 C CG  . ASP A 1 63 ? 2.228   -4.570  -4.451  1.00 29.55  ? 63   ASP A CG  1 
ATOM   348 O OD1 . ASP A 1 63 ? 3.404   -4.878  -4.148  1.00 38.43  ? 63   ASP A OD1 1 
ATOM   349 O OD2 . ASP A 1 63 ? 1.238   -5.315  -4.295  1.00 36.24  ? 63   ASP A OD2 1 
ATOM   350 N N   . ILE A 1 64 ? 3.011   -1.089  -7.252  1.00 32.44  ? 64   ILE A N   1 
ATOM   351 C CA  . ILE A 1 64 ? 2.417   -0.079  -8.121  1.00 29.99  ? 64   ILE A CA  1 
ATOM   352 C C   . ILE A 1 64 ? 1.260   -0.691  -8.884  1.00 37.69  ? 64   ILE A C   1 
ATOM   353 O O   . ILE A 1 64 ? 1.423   -1.818  -9.351  1.00 36.77  ? 64   ILE A O   1 
ATOM   354 C CB  . ILE A 1 64 ? 3.454   0.429   -9.129  1.00 40.76  ? 64   ILE A CB  1 
ATOM   355 C CG1 . ILE A 1 64 ? 4.765   0.751   -8.417  1.00 38.09  ? 64   ILE A CG1 1 
ATOM   356 C CG2 . ILE A 1 64 ? 2.886   1.577   -9.954  1.00 34.59  ? 64   ILE A CG2 1 
ATOM   357 C CD1 . ILE A 1 64 ? 4.687   1.969   -7.516  1.00 40.50  ? 64   ILE A CD1 1 
ATOM   358 N N   . ASP A 1 65 ? 0.131   -0.010  -8.994  1.00 37.14  ? 65   ASP A N   1 
ATOM   359 C CA  . ASP A 1 65 ? -1.012  -0.534  -9.740  1.00 35.47  ? 65   ASP A CA  1 
ATOM   360 C C   . ASP A 1 65 ? -1.656  0.587   -10.565 1.00 32.62  ? 65   ASP A C   1 
ATOM   361 O O   . ASP A 1 65 ? -1.283  1.759   -10.389 1.00 34.38  ? 65   ASP A O   1 
ATOM   362 C CB  . ASP A 1 65 ? -2.072  -1.139  -8.825  1.00 32.19  ? 65   ASP A CB  1 
ATOM   363 C CG  . ASP A 1 65 ? -1.676  -2.471  -8.243  1.00 47.54  ? 65   ASP A CG  1 
ATOM   364 O OD1 . ASP A 1 65 ? -1.290  -2.501  -7.047  1.00 39.40  ? 65   ASP A OD1 1 
ATOM   365 O OD2 . ASP A 1 65 ? -1.780  -3.460  -8.997  1.00 41.67  ? 65   ASP A OD2 1 
ATOM   366 N N   . ASP A 1 66 ? -2.602  0.240   -11.436 1.00 37.55  ? 66   ASP A N   1 
ATOM   367 C CA  . ASP A 1 66 ? -3.257  1.305   -12.210 1.00 36.81  ? 66   ASP A CA  1 
ATOM   368 C C   . ASP A 1 66 ? -4.567  1.683   -11.525 1.00 43.02  ? 66   ASP A C   1 
ATOM   369 O O   . ASP A 1 66 ? -5.440  2.256   -12.163 1.00 35.70  ? 66   ASP A O   1 
ATOM   370 C CB  . ASP A 1 66 ? -3.524  0.927   -13.659 1.00 41.14  ? 66   ASP A CB  1 
ATOM   371 C CG  . ASP A 1 66 ? -4.542  -0.164  -13.873 1.00 51.30  ? 66   ASP A CG  1 
ATOM   372 O OD1 . ASP A 1 66 ? -4.877  -0.907  -12.932 1.00 48.96  ? 66   ASP A OD1 1 
ATOM   373 O OD2 . ASP A 1 66 ? -5.044  -0.309  -15.013 1.00 49.83  ? 66   ASP A OD2 1 
ATOM   374 N N   . PHE A 1 67 ? -4.698  1.381   -10.243 1.00 38.88  ? 67   PHE A N   1 
ATOM   375 C CA  . PHE A 1 67 ? -5.873  1.707   -9.459  1.00 34.62  ? 67   PHE A CA  1 
ATOM   376 C C   . PHE A 1 67 ? -5.474  1.908   -7.998  1.00 45.17  ? 67   PHE A C   1 
ATOM   377 O O   . PHE A 1 67 ? -4.400  1.463   -7.586  1.00 32.41  ? 67   PHE A O   1 
ATOM   378 C CB  . PHE A 1 67 ? -6.916  0.582   -9.581  1.00 35.35  ? 67   PHE A CB  1 
ATOM   379 C CG  . PHE A 1 67 ? -6.427  -0.751  -9.076  1.00 39.43  ? 67   PHE A CG  1 
ATOM   380 C CD1 . PHE A 1 67 ? -6.632  -1.152  -7.759  1.00 50.53  ? 67   PHE A CD1 1 
ATOM   381 C CD2 . PHE A 1 67 ? -5.746  -1.623  -9.896  1.00 33.96  ? 67   PHE A CD2 1 
ATOM   382 C CE1 . PHE A 1 67 ? -6.158  -2.344  -7.265  1.00 43.75  ? 67   PHE A CE1 1 
ATOM   383 C CE2 . PHE A 1 67 ? -5.249  -2.825  -9.426  1.00 37.50  ? 67   PHE A CE2 1 
ATOM   384 C CZ  . PHE A 1 67 ? -5.449  -3.187  -8.106  1.00 49.17  ? 67   PHE A CZ  1 
ATOM   385 N N   . CYS A 1 68 ? -6.312  2.524   -7.200  1.00 43.47  ? 68   CYS A N   1 
ATOM   386 C CA  . CYS A 1 68 ? -6.257  2.587   -5.753  1.00 42.39  ? 68   CYS A CA  1 
ATOM   387 C C   . CYS A 1 68 ? -7.150  1.589   -5.048  1.00 38.86  ? 68   CYS A C   1 
ATOM   388 O O   . CYS A 1 68 ? -8.300  1.382   -5.455  1.00 38.67  ? 68   CYS A O   1 
ATOM   389 C CB  . CYS A 1 68 ? -6.723  3.979   -5.326  1.00 35.82  ? 68   CYS A CB  1 
ATOM   390 S SG  . CYS A 1 68 ? -5.610  5.262   -5.899  1.00 44.36  ? 68   CYS A SG  1 
ATOM   391 N N   . TYR A 1 69 ? -6.703  0.950   -3.964  1.00 38.62  ? 69   TYR A N   1 
ATOM   392 C CA  . TYR A 1 69 ? -7.675  0.137   -3.199  1.00 36.24  ? 69   TYR A CA  1 
ATOM   393 C C   . TYR A 1 69 ? -8.682  1.073   -2.536  1.00 33.17  ? 69   TYR A C   1 
ATOM   394 O O   . TYR A 1 69 ? -8.410  2.270   -2.343  1.00 37.57  ? 69   TYR A O   1 
ATOM   395 C CB  . TYR A 1 69 ? -6.995  -0.767  -2.174  1.00 40.36  ? 69   TYR A CB  1 
ATOM   396 C CG  . TYR A 1 69 ? -6.146  -1.825  -2.865  1.00 39.07  ? 69   TYR A CG  1 
ATOM   397 C CD1 . TYR A 1 69 ? -6.674  -3.050  -3.232  1.00 38.32  ? 69   TYR A CD1 1 
ATOM   398 C CD2 . TYR A 1 69 ? -4.810  -1.571  -3.148  1.00 36.27  ? 69   TYR A CD2 1 
ATOM   399 C CE1 . TYR A 1 69 ? -5.893  -4.007  -3.862  1.00 35.57  ? 69   TYR A CE1 1 
ATOM   400 C CE2 . TYR A 1 69 ? -4.031  -2.527  -3.785  1.00 34.76  ? 69   TYR A CE2 1 
ATOM   401 C CZ  . TYR A 1 69 ? -4.569  -3.740  -4.142  1.00 39.50  ? 69   TYR A CZ  1 
ATOM   402 O OH  . TYR A 1 69 ? -3.791  -4.693  -4.769  1.00 40.59  ? 69   TYR A OH  1 
ATOM   403 N N   . GLU A 1 70 ? -9.869  0.587   -2.210  1.00 37.94  ? 70   GLU A N   1 
ATOM   404 C CA  . GLU A 1 70 ? -10.859 1.432   -1.538  1.00 49.95  ? 70   GLU A CA  1 
ATOM   405 C C   . GLU A 1 70 ? -10.414 1.834   -0.141  1.00 45.91  ? 70   GLU A C   1 
ATOM   406 O O   . GLU A 1 70 ? -9.580  1.182   0.479   1.00 44.97  ? 70   GLU A O   1 
ATOM   407 C CB  . GLU A 1 70 ? -12.195 0.682   -1.418  1.00 56.52  ? 70   GLU A CB  1 
ATOM   408 C CG  . GLU A 1 70 ? -11.933 -0.788  -1.109  1.00 65.03  ? 70   GLU A CG  1 
ATOM   409 C CD  . GLU A 1 70 ? -13.075 -1.450  -0.371  1.00 78.26  ? 70   GLU A CD  1 
ATOM   410 O OE1 . GLU A 1 70 ? -13.489 -0.911  0.679   1.00 119.59 ? 70   GLU A OE1 1 
ATOM   411 O OE2 . GLU A 1 70 ? -13.541 -2.508  -0.846  1.00 76.35  ? 70   GLU A OE2 1 
ATOM   412 N N   . PRO A 1 71 ? -10.964 2.931   0.352   1.00 51.09  ? 71   PRO A N   1 
ATOM   413 C CA  . PRO A 1 71 ? -10.573 3.446   1.669   1.00 57.62  ? 71   PRO A CA  1 
ATOM   414 C C   . PRO A 1 71 ? -10.724 2.382   2.751   1.00 53.89  ? 71   PRO A C   1 
ATOM   415 O O   . PRO A 1 71 ? -11.473 1.423   2.583   1.00 56.63  ? 71   PRO A O   1 
ATOM   416 C CB  . PRO A 1 71 ? -11.547 4.608   1.884   1.00 58.89  ? 71   PRO A CB  1 
ATOM   417 C CG  . PRO A 1 71 ? -11.850 5.063   0.487   1.00 57.08  ? 71   PRO A CG  1 
ATOM   418 C CD  . PRO A 1 71 ? -11.984 3.775   -0.295  1.00 49.84  ? 71   PRO A CD  1 
ATOM   419 N N   . CYS A 1 72 ? -9.982  2.559   3.836   1.00 61.77  ? 72   CYS A N   1 
ATOM   420 C CA  . CYS A 1 72 ? -10.037 1.650   4.973   1.00 70.48  ? 72   CYS A CA  1 
ATOM   421 C C   . CYS A 1 72 ? -11.123 2.088   5.954   1.00 76.54  ? 72   CYS A C   1 
ATOM   422 O O   . CYS A 1 72 ? -12.101 2.721   5.548   1.00 89.40  ? 72   CYS A O   1 
ATOM   423 C CB  . CYS A 1 72 ? -8.688  1.589   5.683   1.00 66.34  ? 72   CYS A CB  1 
ATOM   424 S SG  . CYS A 1 72 ? -7.394  0.731   4.772   1.00 60.00  ? 72   CYS A SG  1 
HETATM 425 O O   . HOH B 2 .  ? -4.364  10.740  4.477   1.00 73.43  ? 2001 HOH A O   1 
HETATM 426 O O   . HOH B 2 .  ? -1.519  13.701  -0.675  0.50 66.55  ? 2002 HOH A O   1 
HETATM 427 O O   . HOH B 2 .  ? -4.056  12.946  3.296   1.00 104.04 ? 2003 HOH A O   1 
HETATM 428 O O   . HOH B 2 .  ? -6.811  7.823   -0.978  1.00 58.75  ? 2004 HOH A O   1 
HETATM 429 O O   . HOH B 2 .  ? -6.494  11.582  -1.653  1.00 125.82 ? 2005 HOH A O   1 
HETATM 430 O O   . HOH B 2 .  ? -3.178  11.007  -6.171  1.00 53.10  ? 2006 HOH A O   1 
HETATM 431 O O   . HOH B 2 .  ? -6.773  9.105   -7.069  1.00 63.02  ? 2007 HOH A O   1 
HETATM 432 O O   . HOH B 2 .  ? 2.873   7.303   -14.755 1.00 48.99  ? 2008 HOH A O   1 
HETATM 433 O O   . HOH B 2 .  ? -4.115  11.366  -10.646 1.00 57.91  ? 2009 HOH A O   1 
HETATM 434 O O   . HOH B 2 .  ? 1.999   12.912  -12.595 1.00 72.37  ? 2010 HOH A O   1 
HETATM 435 O O   . HOH B 2 .  ? -3.401  12.654  -18.405 1.00 108.46 ? 2011 HOH A O   1 
HETATM 436 O O   . HOH B 2 .  ? -1.235  0.064   -16.340 1.00 47.81  ? 2012 HOH A O   1 
HETATM 437 O O   . HOH B 2 .  ? 0.789   -0.062  -12.858 1.00 48.29  ? 2013 HOH A O   1 
HETATM 438 O O   . HOH B 2 .  ? 1.980   5.989   -16.894 1.00 48.53  ? 2014 HOH A O   1 
HETATM 439 O O   . HOH B 2 .  ? 5.860   3.535   -17.406 0.33 44.44  ? 2015 HOH A O   1 
HETATM 440 O O   . HOH B 2 .  ? 6.803   0.377   -15.067 1.00 47.56  ? 2016 HOH A O   1 
HETATM 441 O O   . HOH B 2 .  ? 3.219   9.137   -7.414  1.00 77.16  ? 2017 HOH A O   1 
HETATM 442 O O   . HOH B 2 .  ? 4.566   6.302   -8.421  1.00 76.87  ? 2018 HOH A O   1 
HETATM 443 O O   . HOH B 2 .  ? -0.071  9.934   -20.303 1.00 65.51  ? 2019 HOH A O   1 
HETATM 444 O O   . HOH B 2 .  ? -0.189  1.598   -14.440 1.00 40.68  ? 2020 HOH A O   1 
HETATM 445 O O   . HOH B 2 .  ? 2.363   6.794   -7.988  1.00 60.81  ? 2021 HOH A O   1 
HETATM 446 O O   . HOH B 2 .  ? 6.914   6.895   -13.607 1.00 84.50  ? 2022 HOH A O   1 
HETATM 447 O O   . HOH B 2 .  ? 7.036   2.672   -15.090 1.00 43.24  ? 2023 HOH A O   1 
HETATM 448 O O   . HOH B 2 .  ? 5.017   -8.944  5.886   1.00 61.72  ? 2024 HOH A O   1 
HETATM 449 O O   . HOH B 2 .  ? 3.988   -9.716  17.240  1.00 130.36 ? 2025 HOH A O   1 
HETATM 450 O O   . HOH B 2 .  ? 6.049   10.424  -2.974  1.00 69.97  ? 2026 HOH A O   1 
HETATM 451 O O   . HOH B 2 .  ? 6.247   7.724   -6.599  1.00 67.29  ? 2027 HOH A O   1 
HETATM 452 O O   . HOH B 2 .  ? 4.387   2.967   -1.063  1.00 44.60  ? 2028 HOH A O   1 
HETATM 453 O O   . HOH B 2 .  ? 7.739   -9.007  9.765   1.00 82.03  ? 2029 HOH A O   1 
HETATM 454 O O   . HOH B 2 .  ? 4.518   5.183   3.278   1.00 47.47  ? 2030 HOH A O   1 
HETATM 455 O O   . HOH B 2 .  ? 1.505   0.988   1.965   1.00 35.73  ? 2031 HOH A O   1 
HETATM 456 O O   . HOH B 2 .  ? -0.459  5.527   7.560   1.00 53.11  ? 2032 HOH A O   1 
HETATM 457 O O   . HOH B 2 .  ? -5.267  -1.561  8.595   1.00 94.82  ? 2033 HOH A O   1 
HETATM 458 O O   . HOH B 2 .  ? -3.302  -0.074  3.460   1.00 44.61  ? 2034 HOH A O   1 
HETATM 459 O O   . HOH B 2 .  ? 6.179   -7.343  -6.728  1.00 53.77  ? 2035 HOH A O   1 
HETATM 460 O O   . HOH B 2 .  ? -0.751  -1.145  -2.636  1.00 38.62  ? 2036 HOH A O   1 
HETATM 461 O O   . HOH B 2 .  ? 4.425   -0.849  -12.254 1.00 90.39  ? 2037 HOH A O   1 
HETATM 462 O O   . HOH B 2 .  ? -0.154  -2.425  -13.030 1.00 54.66  ? 2038 HOH A O   1 
HETATM 463 O O   . HOH B 2 .  ? -9.859  -1.557  -14.466 1.00 59.76  ? 2039 HOH A O   1 
HETATM 464 O O   . HOH B 2 .  ? -2.053  -0.460  11.103  1.00 57.50  ? 2040 HOH A O   1 
HETATM 465 O O   . HOH B 2 .  ? -13.060 6.431   -3.246  1.00 93.22  ? 2041 HOH A O   1 
HETATM 466 O O   . HOH B 2 .  ? 4.252   -6.958  14.399  1.00 44.37  ? 2042 HOH A O   1 
HETATM 467 O O   . HOH B 2 .  ? 5.273   -8.513  12.475  1.00 67.10  ? 2043 HOH A O   1 
HETATM 468 O O   . HOH B 2 .  ? -4.164  -7.661  7.240   1.00 110.14 ? 2044 HOH A O   1 
HETATM 469 O O   . HOH B 2 .  ? 2.473   -8.674  5.274   1.00 63.06  ? 2045 HOH A O   1 
HETATM 470 O O   . HOH B 2 .  ? -0.799  -2.813  2.923   1.00 55.38  ? 2046 HOH A O   1 
HETATM 471 O O   . HOH B 2 .  ? -2.007  -8.452  -5.925  1.00 67.25  ? 2047 HOH A O   1 
HETATM 472 O O   . HOH B 2 .  ? 0.214   -11.661 -2.062  1.00 76.91  ? 2048 HOH A O   1 
HETATM 473 O O   . HOH B 2 .  ? 1.259   -9.758  1.529   1.00 101.71 ? 2049 HOH A O   1 
HETATM 474 O O   . HOH B 2 .  ? 4.099   -10.137 0.622   1.00 78.09  ? 2050 HOH A O   1 
HETATM 475 O O   . HOH B 2 .  ? 8.377   -9.262  -2.840  1.00 63.82  ? 2051 HOH A O   1 
HETATM 476 O O   . HOH B 2 .  ? 7.356   -8.449  5.120   1.00 56.35  ? 2052 HOH A O   1 
HETATM 477 O O   . HOH B 2 .  ? 6.111   -9.068  0.322   1.00 48.64  ? 2053 HOH A O   1 
HETATM 478 O O   . HOH B 2 .  ? 10.155  -7.489  1.623   1.00 72.25  ? 2054 HOH A O   1 
HETATM 479 O O   . HOH B 2 .  ? 13.257  -4.392  7.185   1.00 61.93  ? 2055 HOH A O   1 
HETATM 480 O O   . HOH B 2 .  ? 9.441   -7.077  10.729  1.00 48.99  ? 2056 HOH A O   1 
HETATM 481 O O   . HOH B 2 .  ? 13.558  -1.799  10.649  1.00 64.79  ? 2057 HOH A O   1 
HETATM 482 O O   . HOH B 2 .  ? 6.993   5.412   12.624  1.00 35.10  ? 2058 HOH A O   1 
HETATM 483 O O   . HOH B 2 .  ? 7.136   -3.242  -5.525  1.00 36.38  ? 2059 HOH A O   1 
HETATM 484 O O   . HOH B 2 .  ? 1.353   0.334   -2.762  1.00 33.41  ? 2060 HOH A O   1 
HETATM 485 O O   . HOH B 2 .  ? -0.819  -5.102  -6.106  1.00 94.00  ? 2061 HOH A O   1 
HETATM 486 O O   . HOH B 2 .  ? 5.394   -4.960  -6.291  1.00 37.91  ? 2062 HOH A O   1 
HETATM 487 O O   . HOH B 2 .  ? 1.841   -4.343  -8.870  1.00 78.86  ? 2063 HOH A O   1 
HETATM 488 O O   . HOH B 2 .  ? 3.482   -3.355  -10.865 1.00 58.03  ? 2064 HOH A O   1 
HETATM 489 O O   . HOH B 2 .  ? 4.802   -3.316  -8.368  1.00 40.05  ? 2065 HOH A O   1 
HETATM 490 O O   . HOH B 2 .  ? -2.568  -2.664  -11.612 1.00 41.55  ? 2066 HOH A O   1 
HETATM 491 O O   . HOH B 2 .  ? -3.070  -6.195  -9.040  1.00 61.47  ? 2067 HOH A O   1 
HETATM 492 O O   . HOH B 2 .  ? -0.847  -0.426  -5.426  1.00 34.25  ? 2068 HOH A O   1 
HETATM 493 O O   . HOH B 2 .  ? -7.818  2.795   -12.764 1.00 39.08  ? 2069 HOH A O   1 
HETATM 494 O O   . HOH B 2 .  ? -7.722  -0.995  -15.621 1.00 40.99  ? 2070 HOH A O   1 
HETATM 495 O O   . HOH B 2 .  ? -3.745  0.080   -17.288 1.00 41.47  ? 2071 HOH A O   1 
HETATM 496 O O   . HOH B 2 .  ? -7.686  -1.682  -13.068 1.00 55.27  ? 2072 HOH A O   1 
HETATM 497 O O   . HOH B 2 .  ? -2.700  1.514   -5.485  1.00 37.43  ? 2073 HOH A O   1 
HETATM 498 O O   . HOH B 2 .  ? -10.165 1.180   -7.582  1.00 42.81  ? 2074 HOH A O   1 
HETATM 499 O O   . HOH B 2 .  ? -11.335 3.210   -5.329  1.00 81.85  ? 2075 HOH A O   1 
HETATM 500 O O   . HOH B 2 .  ? -4.103  1.892   -3.066  1.00 35.45  ? 2076 HOH A O   1 
HETATM 501 O O   . HOH B 2 .  ? -7.929  4.442   -1.783  1.00 56.61  ? 2077 HOH A O   1 
HETATM 502 O O   . HOH B 2 .  ? -10.204 -1.832  -3.292  1.00 57.50  ? 2078 HOH A O   1 
# 
